data_7YAX
#
_entry.id   7YAX
#
_cell.length_a   123.630
_cell.length_b   123.630
_cell.length_c   129.130
_cell.angle_alpha   90.000
_cell.angle_beta   90.000
_cell.angle_gamma   120.000
#
_symmetry.space_group_name_H-M   'P 63'
#
loop_
_entity.id
_entity.type
_entity.pdbx_description
1 polymer 'Hydroxynitrile lyase'
2 non-polymer 'SULFATE ION'
3 non-polymer 'CHLORIDE ION'
4 water water
#
_entity_poly.entity_id   1
_entity_poly.type   'polypeptide(L)'
_entity_poly.pdbx_seq_one_letter_code
;MLYYVSILLMAVYAVAVADEDPMTCDKLPKVPVPPLEEFIKSNPLQFAYVLTDTFDCTTRVYVQPARLSPNQAATALDIR
GSRIITNDFVGGPNNSAILNNCTTGEKATWYFQYTNLNTPNGSSYCAYTCNGEEIAEYKCANNNNGTDPLQKQAVEVAKK
VPNGDKIHYALDNCPEHHGCFAFY
;
_entity_poly.pdbx_strand_id   A,B,C,D
#
# COMPACT_ATOMS: atom_id res chain seq x y z
N ASP A 19 1.32 -18.31 15.18
CA ASP A 19 0.24 -19.27 14.82
C ASP A 19 -0.65 -18.73 13.70
N GLU A 20 -1.68 -17.91 14.02
CA GLU A 20 -2.48 -17.28 12.98
C GLU A 20 -1.85 -15.94 12.61
N ASP A 21 -1.86 -15.62 11.33
CA ASP A 21 -1.31 -14.38 10.82
C ASP A 21 -2.23 -13.22 11.27
N PRO A 22 -1.68 -12.02 11.50
CA PRO A 22 -2.54 -10.87 11.79
C PRO A 22 -3.39 -10.53 10.56
N MET A 23 -4.62 -10.08 10.77
N MET A 23 -4.61 -10.08 10.88
CA MET A 23 -5.52 -9.98 9.63
CA MET A 23 -5.75 -9.96 9.96
C MET A 23 -5.88 -8.52 9.31
C MET A 23 -5.84 -8.56 9.35
N THR A 24 -5.43 -7.58 10.15
CA THR A 24 -5.53 -6.15 9.83
C THR A 24 -4.19 -5.44 10.10
N CYS A 25 -4.01 -4.28 9.46
CA CYS A 25 -2.75 -3.57 9.44
C CYS A 25 -2.32 -3.19 10.88
N ASP A 26 -3.29 -2.78 11.71
CA ASP A 26 -3.04 -2.35 13.08
C ASP A 26 -2.46 -3.49 13.92
N LYS A 27 -2.61 -4.74 13.46
CA LYS A 27 -2.15 -5.91 14.17
C LYS A 27 -0.83 -6.45 13.62
N LEU A 28 -0.24 -5.81 12.62
CA LEU A 28 1.03 -6.32 12.12
C LEU A 28 2.09 -6.15 13.22
N PRO A 29 3.17 -6.96 13.13
CA PRO A 29 4.30 -6.86 14.06
C PRO A 29 4.92 -5.47 14.00
N LYS A 30 5.54 -5.08 15.13
CA LYS A 30 6.25 -3.83 15.26
C LYS A 30 7.56 -4.11 15.99
N VAL A 31 8.60 -4.42 15.22
CA VAL A 31 9.87 -4.67 15.85
C VAL A 31 10.55 -3.35 16.20
N PRO A 32 11.51 -3.37 17.14
CA PRO A 32 12.26 -2.17 17.49
C PRO A 32 12.90 -1.59 16.23
N VAL A 33 12.89 -0.26 16.13
CA VAL A 33 13.64 0.42 15.10
C VAL A 33 15.13 0.25 15.40
N PRO A 34 15.92 -0.41 14.52
CA PRO A 34 17.37 -0.52 14.70
C PRO A 34 18.02 0.87 14.86
N PRO A 35 19.19 0.94 15.53
CA PRO A 35 20.04 2.13 15.50
C PRO A 35 20.29 2.56 14.06
N LEU A 36 20.28 3.87 13.85
CA LEU A 36 20.48 4.41 12.50
C LEU A 36 21.72 3.84 11.84
N GLU A 37 22.80 3.62 12.61
CA GLU A 37 24.02 3.10 12.03
C GLU A 37 23.80 1.77 11.31
N GLU A 38 22.89 0.92 11.77
CA GLU A 38 22.64 -0.36 11.09
C GLU A 38 22.04 -0.13 9.70
N PHE A 39 21.18 0.89 9.58
CA PHE A 39 20.63 1.28 8.29
C PHE A 39 21.71 1.88 7.40
N ILE A 40 22.53 2.76 7.96
CA ILE A 40 23.57 3.35 7.14
C ILE A 40 24.53 2.31 6.57
N LYS A 41 24.90 1.31 7.38
CA LYS A 41 25.72 0.21 6.90
C LYS A 41 25.06 -0.64 5.83
N SER A 42 23.72 -0.62 5.75
CA SER A 42 22.95 -1.30 4.70
C SER A 42 22.83 -0.53 3.37
N ASN A 43 23.13 0.78 3.35
CA ASN A 43 22.94 1.64 2.20
C ASN A 43 23.78 1.17 1.01
N PRO A 44 23.32 1.28 -0.24
CA PRO A 44 21.92 1.54 -0.58
C PRO A 44 21.09 0.27 -0.71
N LEU A 45 19.76 0.36 -0.49
CA LEU A 45 18.90 -0.81 -0.63
C LEU A 45 17.94 -0.60 -1.81
N GLN A 46 17.33 -1.68 -2.31
CA GLN A 46 16.30 -1.56 -3.32
C GLN A 46 14.99 -2.01 -2.72
N PHE A 47 13.88 -1.46 -3.22
CA PHE A 47 12.58 -1.92 -2.79
C PHE A 47 12.09 -3.00 -3.75
N ALA A 48 12.03 -4.23 -3.24
CA ALA A 48 11.59 -5.37 -4.00
C ALA A 48 10.06 -5.42 -4.08
N TYR A 49 9.37 -5.01 -2.99
CA TYR A 49 7.90 -5.03 -2.93
C TYR A 49 7.43 -3.74 -2.28
N VAL A 50 6.44 -3.13 -2.94
CA VAL A 50 5.82 -1.90 -2.48
C VAL A 50 4.30 -2.00 -2.73
N LEU A 51 3.54 -1.03 -2.20
CA LEU A 51 2.08 -1.04 -2.40
C LEU A 51 1.68 -0.08 -3.50
N THR A 52 1.94 1.24 -3.37
CA THR A 52 1.60 2.11 -4.49
C THR A 52 2.71 2.07 -5.54
N ASP A 53 2.39 2.52 -6.74
CA ASP A 53 3.38 2.53 -7.83
C ASP A 53 4.45 3.64 -7.69
N THR A 54 4.23 4.59 -6.78
CA THR A 54 5.18 5.65 -6.47
C THR A 54 6.58 5.11 -6.21
N PHE A 55 6.66 3.93 -5.57
CA PHE A 55 7.92 3.40 -5.05
C PHE A 55 8.45 2.23 -5.89
N ASP A 56 7.95 2.08 -7.13
CA ASP A 56 8.55 1.17 -8.10
C ASP A 56 9.92 1.68 -8.54
N CYS A 57 10.82 0.75 -8.88
CA CYS A 57 12.15 1.04 -9.45
C CYS A 57 12.97 2.01 -8.57
N THR A 58 12.97 1.75 -7.25
CA THR A 58 13.38 2.78 -6.29
C THR A 58 14.51 2.22 -5.43
N THR A 59 15.46 3.09 -5.11
CA THR A 59 16.56 2.87 -4.19
C THR A 59 16.38 3.74 -2.93
N ARG A 60 16.59 3.11 -1.77
CA ARG A 60 16.57 3.77 -0.48
C ARG A 60 18.00 4.02 0.01
N VAL A 61 18.22 5.25 0.49
CA VAL A 61 19.41 5.66 1.20
C VAL A 61 18.96 6.37 2.47
N TYR A 62 19.52 5.92 3.58
CA TYR A 62 19.31 6.58 4.86
C TYR A 62 20.45 7.56 5.14
N VAL A 63 20.06 8.70 5.73
CA VAL A 63 20.99 9.79 6.01
C VAL A 63 20.85 10.22 7.44
N GLN A 64 22.00 10.42 8.10
N GLN A 64 22.02 10.45 8.04
CA GLN A 64 22.02 10.93 9.46
CA GLN A 64 22.21 11.05 9.35
C GLN A 64 21.52 12.37 9.43
C GLN A 64 21.51 12.41 9.40
N PRO A 65 21.08 12.89 10.58
CA PRO A 65 20.72 14.29 10.71
C PRO A 65 21.91 15.18 10.38
N ALA A 66 21.63 16.31 9.71
CA ALA A 66 22.58 17.40 9.57
C ALA A 66 23.16 17.75 10.95
N ARG A 67 24.45 18.10 10.96
CA ARG A 67 25.15 18.44 12.19
C ARG A 67 24.40 19.53 12.98
N LEU A 68 23.89 20.52 12.25
CA LEU A 68 23.21 21.70 12.82
C LEU A 68 21.69 21.51 12.98
N SER A 69 21.12 20.36 12.57
CA SER A 69 19.72 20.05 12.85
C SER A 69 19.41 20.05 14.36
N PRO A 70 18.51 20.88 14.87
CA PRO A 70 18.17 20.78 16.31
C PRO A 70 17.44 19.51 16.77
N ASN A 71 16.50 19.03 15.94
CA ASN A 71 15.69 17.88 16.32
C ASN A 71 16.48 16.61 16.07
N GLN A 72 17.59 16.69 15.29
CA GLN A 72 18.42 15.54 15.00
C GLN A 72 17.57 14.44 14.36
N ALA A 73 16.62 14.82 13.50
CA ALA A 73 15.89 13.81 12.71
C ALA A 73 16.77 13.26 11.60
N ALA A 74 16.79 11.93 11.45
CA ALA A 74 17.40 11.30 10.29
C ALA A 74 16.47 11.48 9.10
N THR A 75 16.97 11.17 7.89
CA THR A 75 16.21 11.28 6.66
C THR A 75 16.26 9.97 5.87
N ALA A 76 15.07 9.57 5.34
CA ALA A 76 14.93 8.51 4.36
C ALA A 76 14.78 9.13 2.97
N LEU A 77 15.70 8.73 2.08
CA LEU A 77 15.68 9.13 0.69
C LEU A 77 15.13 7.98 -0.14
N ASP A 78 14.11 8.28 -0.93
CA ASP A 78 13.54 7.34 -1.86
C ASP A 78 13.83 7.85 -3.27
N ILE A 79 14.74 7.18 -3.97
CA ILE A 79 15.30 7.73 -5.19
C ILE A 79 14.88 6.88 -6.39
N ARG A 80 14.27 7.54 -7.37
CA ARG A 80 13.75 6.86 -8.57
C ARG A 80 14.23 7.62 -9.79
N GLY A 81 15.37 7.20 -10.33
CA GLY A 81 16.00 7.92 -11.42
C GLY A 81 16.54 9.28 -10.99
N SER A 82 15.99 10.34 -11.61
CA SER A 82 16.29 11.74 -11.32
C SER A 82 15.33 12.41 -10.36
N ARG A 83 14.45 11.62 -9.78
CA ARG A 83 13.51 12.16 -8.82
C ARG A 83 13.79 11.55 -7.45
N ILE A 84 13.40 12.29 -6.41
CA ILE A 84 13.58 11.82 -5.03
C ILE A 84 12.39 12.26 -4.18
N ILE A 85 12.05 11.41 -3.24
CA ILE A 85 11.10 11.68 -2.18
C ILE A 85 11.88 11.59 -0.86
N THR A 86 11.72 12.60 0.00
CA THR A 86 12.48 12.66 1.23
C THR A 86 11.49 12.77 2.39
N ASN A 87 11.83 12.07 3.47
CA ASN A 87 11.13 12.12 4.72
C ASN A 87 12.13 12.17 5.87
N ASP A 88 12.03 13.21 6.71
CA ASP A 88 12.70 13.18 7.99
C ASP A 88 11.95 12.19 8.86
N PHE A 89 12.64 11.58 9.82
CA PHE A 89 11.93 10.77 10.78
C PHE A 89 12.57 10.79 12.17
N VAL A 90 11.71 10.57 13.15
CA VAL A 90 12.09 10.41 14.56
C VAL A 90 11.31 9.24 15.12
N GLY A 91 11.79 8.66 16.23
CA GLY A 91 11.13 7.60 16.93
C GLY A 91 9.86 8.10 17.60
N GLY A 92 8.88 7.20 17.65
CA GLY A 92 7.63 7.46 18.35
C GLY A 92 7.26 6.29 19.23
N PRO A 93 6.05 6.34 19.83
CA PRO A 93 5.56 5.25 20.66
C PRO A 93 5.29 3.96 19.88
N ASN A 94 5.34 2.82 20.59
CA ASN A 94 4.95 1.52 20.07
CA ASN A 94 4.93 1.53 20.05
C ASN A 94 5.90 1.13 18.91
N ASN A 95 7.19 1.51 19.04
CA ASN A 95 8.22 1.19 18.05
C ASN A 95 7.90 1.79 16.67
N SER A 96 7.27 2.97 16.66
CA SER A 96 6.98 3.72 15.46
C SER A 96 8.15 4.61 15.07
N ALA A 97 8.17 4.91 13.76
CA ALA A 97 8.89 6.01 13.18
C ALA A 97 7.89 6.99 12.58
N ILE A 98 8.01 8.25 13.02
CA ILE A 98 7.14 9.31 12.54
C ILE A 98 7.86 10.07 11.45
N LEU A 99 7.29 10.01 10.25
CA LEU A 99 7.90 10.54 9.04
C LEU A 99 7.27 11.88 8.71
N ASN A 100 8.12 12.83 8.33
CA ASN A 100 7.69 14.16 7.91
C ASN A 100 8.13 14.36 6.47
N ASN A 101 7.19 14.34 5.53
CA ASN A 101 7.49 14.56 4.13
C ASN A 101 8.07 15.95 3.93
N CYS A 102 9.29 16.05 3.38
CA CYS A 102 10.04 17.30 3.38
C CYS A 102 9.47 18.36 2.40
N THR A 103 8.73 17.86 1.41
CA THR A 103 8.08 18.62 0.35
C THR A 103 6.70 19.11 0.80
N THR A 104 5.93 18.31 1.54
CA THR A 104 4.54 18.65 1.81
C THR A 104 4.33 18.96 3.27
N GLY A 105 5.15 18.41 4.17
CA GLY A 105 4.88 18.54 5.59
C GLY A 105 3.93 17.45 6.15
N GLU A 106 3.47 16.52 5.30
CA GLU A 106 2.56 15.48 5.74
C GLU A 106 3.30 14.49 6.65
N LYS A 107 2.64 14.13 7.75
CA LYS A 107 3.17 13.21 8.74
C LYS A 107 2.60 11.82 8.45
N ALA A 108 3.36 10.76 8.74
CA ALA A 108 2.86 9.39 8.68
C ALA A 108 3.60 8.56 9.72
N THR A 109 2.83 7.71 10.43
CA THR A 109 3.36 6.82 11.44
C THR A 109 3.69 5.47 10.78
N TRP A 110 4.99 5.15 10.77
CA TRP A 110 5.50 3.93 10.15
C TRP A 110 5.91 2.96 11.24
N TYR A 111 5.90 1.68 10.86
CA TYR A 111 6.43 0.61 11.68
C TYR A 111 7.25 -0.37 10.83
N PHE A 112 8.09 -1.14 11.52
CA PHE A 112 8.82 -2.22 10.88
C PHE A 112 8.14 -3.53 11.23
N GLN A 113 7.70 -4.23 10.17
CA GLN A 113 7.21 -5.59 10.27
C GLN A 113 8.30 -6.53 10.78
N TYR A 114 9.50 -6.43 10.19
CA TYR A 114 10.70 -7.07 10.71
C TYR A 114 11.89 -6.29 10.15
N THR A 115 13.06 -6.49 10.79
CA THR A 115 14.32 -6.01 10.23
C THR A 115 15.33 -7.15 10.30
N ASN A 116 16.23 -7.25 9.31
CA ASN A 116 17.29 -8.21 9.33
C ASN A 116 18.50 -7.59 8.65
N LEU A 117 19.11 -6.64 9.34
CA LEU A 117 20.18 -5.81 8.78
C LEU A 117 21.55 -6.42 9.09
N ASN A 118 22.41 -6.39 8.06
CA ASN A 118 23.83 -6.64 8.18
C ASN A 118 24.10 -8.08 8.59
N THR A 119 23.34 -9.03 8.01
CA THR A 119 23.61 -10.43 8.20
C THR A 119 24.79 -10.81 7.30
N PRO A 120 25.35 -12.04 7.38
CA PRO A 120 26.33 -12.50 6.36
C PRO A 120 25.78 -12.66 4.94
N ASN A 121 24.45 -12.55 4.75
CA ASN A 121 23.81 -12.55 3.46
C ASN A 121 23.23 -11.17 3.17
N GLY A 122 23.69 -10.13 3.88
CA GLY A 122 23.24 -8.77 3.63
C GLY A 122 22.02 -8.40 4.45
N SER A 123 21.30 -7.38 3.96
CA SER A 123 20.28 -6.68 4.74
C SER A 123 18.91 -6.77 4.08
N SER A 124 17.86 -6.97 4.88
CA SER A 124 16.49 -6.76 4.40
C SER A 124 15.63 -6.20 5.53
N TYR A 125 14.52 -5.56 5.14
CA TYR A 125 13.48 -5.25 6.10
C TYR A 125 12.17 -5.06 5.32
N CYS A 126 11.07 -5.05 6.07
CA CYS A 126 9.79 -4.57 5.53
C CYS A 126 9.19 -3.58 6.52
N ALA A 127 8.80 -2.42 6.01
CA ALA A 127 8.14 -1.38 6.76
C ALA A 127 6.74 -1.11 6.17
N TYR A 128 5.87 -0.51 7.00
CA TYR A 128 4.53 -0.18 6.55
C TYR A 128 3.97 1.01 7.32
N THR A 129 2.93 1.59 6.73
CA THR A 129 2.06 2.56 7.38
C THR A 129 0.61 2.18 7.09
N CYS A 130 -0.24 2.42 8.09
CA CYS A 130 -1.64 2.00 8.07
C CYS A 130 -2.57 3.20 7.89
N ASN A 131 -3.75 2.92 7.34
CA ASN A 131 -4.87 3.85 7.36
C ASN A 131 -5.96 3.13 8.13
N GLY A 132 -5.89 3.23 9.43
CA GLY A 132 -6.67 2.40 10.35
C GLY A 132 -6.34 0.89 10.22
N GLU A 133 -7.32 0.10 9.76
CA GLU A 133 -7.12 -1.32 9.61
C GLU A 133 -6.60 -1.69 8.23
N GLU A 134 -6.52 -0.73 7.30
CA GLU A 134 -5.94 -1.01 5.99
C GLU A 134 -4.46 -0.66 5.98
N ILE A 135 -3.71 -1.34 5.10
CA ILE A 135 -2.36 -0.89 4.79
C ILE A 135 -2.43 0.23 3.73
N ALA A 136 -1.71 1.34 3.99
CA ALA A 136 -1.67 2.51 3.10
C ALA A 136 -0.42 2.54 2.23
N GLU A 137 0.71 2.08 2.81
CA GLU A 137 1.94 1.94 2.03
C GLU A 137 2.79 0.84 2.64
N TYR A 138 3.60 0.23 1.80
CA TYR A 138 4.43 -0.90 2.18
C TYR A 138 5.73 -0.78 1.41
N LYS A 139 6.87 -0.94 2.11
CA LYS A 139 8.18 -0.88 1.47
C LYS A 139 9.05 -2.01 2.06
N CYS A 140 9.34 -3.02 1.23
CA CYS A 140 10.25 -4.11 1.53
C CYS A 140 11.57 -3.87 0.79
N ALA A 141 12.64 -3.62 1.55
CA ALA A 141 13.94 -3.27 1.02
C ALA A 141 14.95 -4.39 1.25
N ASN A 142 15.92 -4.51 0.34
CA ASN A 142 17.02 -5.42 0.56
C ASN A 142 18.22 -4.97 -0.27
N ASN A 143 19.39 -5.58 0.04
CA ASN A 143 20.57 -5.36 -0.78
C ASN A 143 21.13 -6.71 -1.26
N ASN A 144 20.31 -7.73 -1.30
CA ASN A 144 20.78 -9.10 -1.58
C ASN A 144 19.94 -9.73 -2.72
N ASN A 145 19.32 -8.91 -3.53
CA ASN A 145 18.42 -9.34 -4.59
C ASN A 145 17.30 -10.28 -4.11
N GLY A 146 16.78 -10.05 -2.91
CA GLY A 146 15.52 -10.65 -2.51
C GLY A 146 15.62 -12.08 -1.97
N THR A 147 16.78 -12.50 -1.46
CA THR A 147 16.95 -13.89 -1.06
C THR A 147 16.65 -14.14 0.43
N ASP A 148 16.41 -13.09 1.24
CA ASP A 148 16.16 -13.34 2.66
C ASP A 148 14.81 -14.04 2.83
N PRO A 149 14.73 -15.24 3.43
CA PRO A 149 13.45 -15.90 3.64
C PRO A 149 12.46 -15.17 4.53
N LEU A 150 12.96 -14.31 5.47
CA LEU A 150 12.09 -13.43 6.25
C LEU A 150 11.23 -12.54 5.35
N GLN A 151 11.82 -12.06 4.26
CA GLN A 151 11.15 -11.11 3.39
C GLN A 151 9.98 -11.78 2.64
N LYS A 152 10.16 -13.02 2.23
CA LYS A 152 9.12 -13.77 1.52
C LYS A 152 7.89 -13.96 2.38
N GLN A 153 8.11 -14.45 3.62
CA GLN A 153 7.04 -14.62 4.57
C GLN A 153 6.37 -13.30 4.96
N ALA A 154 7.15 -12.23 5.16
CA ALA A 154 6.58 -10.96 5.56
C ALA A 154 5.62 -10.46 4.47
N VAL A 155 6.05 -10.48 3.21
CA VAL A 155 5.21 -10.08 2.09
C VAL A 155 3.88 -10.85 2.08
N GLU A 156 3.93 -12.19 2.26
CA GLU A 156 2.75 -13.04 2.23
C GLU A 156 1.77 -12.59 3.30
N VAL A 157 2.29 -12.17 4.47
CA VAL A 157 1.50 -11.74 5.59
C VAL A 157 0.83 -10.40 5.30
N ALA A 158 1.59 -9.46 4.76
CA ALA A 158 1.14 -8.12 4.59
C ALA A 158 0.08 -8.08 3.50
N LYS A 159 0.27 -8.92 2.47
CA LYS A 159 -0.66 -8.90 1.36
C LYS A 159 -2.09 -9.18 1.84
N LYS A 160 -2.22 -9.93 2.94
CA LYS A 160 -3.53 -10.46 3.32
C LYS A 160 -4.35 -9.49 4.19
N VAL A 161 -3.75 -8.35 4.59
CA VAL A 161 -4.51 -7.37 5.36
C VAL A 161 -5.34 -6.51 4.40
N PRO A 162 -6.39 -5.76 4.85
CA PRO A 162 -7.15 -4.89 3.95
C PRO A 162 -6.22 -3.99 3.16
N ASN A 163 -6.49 -3.91 1.87
CA ASN A 163 -5.71 -3.14 0.88
C ASN A 163 -4.33 -3.78 0.51
N GLY A 164 -3.93 -4.88 1.14
CA GLY A 164 -2.64 -5.52 0.91
C GLY A 164 -2.54 -6.20 -0.46
N ASP A 165 -3.68 -6.42 -1.14
CA ASP A 165 -3.65 -7.06 -2.46
C ASP A 165 -2.92 -6.18 -3.46
N LYS A 166 -2.83 -4.86 -3.20
CA LYS A 166 -2.07 -3.99 -4.10
C LYS A 166 -0.55 -4.17 -4.03
N ILE A 167 -0.04 -4.80 -2.96
CA ILE A 167 1.41 -5.00 -2.79
C ILE A 167 1.92 -5.85 -3.96
N HIS A 168 3.06 -5.43 -4.55
CA HIS A 168 3.50 -6.04 -5.78
C HIS A 168 5.01 -5.95 -5.87
N TYR A 169 5.59 -6.85 -6.66
CA TYR A 169 6.99 -6.83 -7.01
C TYR A 169 7.31 -5.59 -7.82
N ALA A 170 8.37 -4.86 -7.42
CA ALA A 170 8.48 -3.49 -7.81
C ALA A 170 9.63 -3.26 -8.79
N LEU A 171 10.38 -4.29 -9.18
CA LEU A 171 11.66 -4.09 -9.87
C LEU A 171 11.62 -4.70 -11.27
N ASP A 172 10.43 -4.93 -11.84
CA ASP A 172 10.36 -5.42 -13.22
C ASP A 172 10.32 -4.25 -14.18
N ASN A 173 11.01 -4.34 -15.32
CA ASN A 173 10.86 -3.38 -16.42
C ASN A 173 11.30 -1.98 -15.97
N CYS A 174 12.35 -1.93 -15.15
CA CYS A 174 12.86 -0.64 -14.71
C CYS A 174 13.80 -0.05 -15.78
N PRO A 175 14.03 1.27 -15.83
CA PRO A 175 14.90 1.85 -16.86
C PRO A 175 16.33 1.34 -16.83
N GLU A 176 16.93 1.33 -18.04
CA GLU A 176 18.27 0.87 -18.25
C GLU A 176 19.23 1.85 -17.57
N HIS A 177 20.39 1.32 -17.21
CA HIS A 177 21.43 2.03 -16.48
C HIS A 177 22.43 2.62 -17.48
N HIS A 178 23.26 3.55 -17.00
CA HIS A 178 24.33 4.16 -17.79
C HIS A 178 25.64 4.11 -16.99
N GLY A 179 26.00 2.90 -16.55
CA GLY A 179 27.30 2.65 -15.94
C GLY A 179 27.33 2.72 -14.41
N CYS A 180 26.20 3.03 -13.73
CA CYS A 180 26.13 2.94 -12.27
C CYS A 180 25.29 1.73 -11.87
N PHE A 181 25.70 1.02 -10.82
CA PHE A 181 25.04 -0.19 -10.39
C PHE A 181 23.65 0.11 -9.80
N ALA A 182 23.47 1.13 -8.95
CA ALA A 182 22.27 1.25 -8.12
C ALA A 182 21.47 2.52 -8.40
N PHE A 183 21.88 3.31 -9.39
CA PHE A 183 21.24 4.56 -9.77
C PHE A 183 21.16 4.57 -11.30
N TYR A 184 20.24 5.37 -11.86
CA TYR A 184 20.01 5.39 -13.30
C TYR A 184 19.42 6.74 -13.73
N MET B 23 46.08 30.44 -10.20
CA MET B 23 46.21 31.12 -11.52
C MET B 23 45.34 30.39 -12.54
N THR B 24 45.69 29.17 -13.04
CA THR B 24 44.78 28.49 -13.95
C THR B 24 44.25 27.18 -13.35
N CYS B 25 43.18 26.60 -13.94
CA CYS B 25 42.46 25.52 -13.30
C CYS B 25 43.35 24.29 -13.09
N ASP B 26 44.17 24.00 -14.11
CA ASP B 26 45.06 22.85 -14.15
C ASP B 26 46.14 22.95 -13.07
N LYS B 27 46.32 24.13 -12.47
CA LYS B 27 47.37 24.32 -11.48
C LYS B 27 46.79 24.46 -10.06
N LEU B 28 45.48 24.29 -9.88
CA LEU B 28 44.91 24.39 -8.54
C LEU B 28 45.43 23.23 -7.68
N PRO B 29 45.39 23.37 -6.34
CA PRO B 29 45.75 22.26 -5.44
C PRO B 29 44.91 20.99 -5.68
N LYS B 30 45.53 19.82 -5.43
CA LYS B 30 44.92 18.51 -5.58
C LYS B 30 45.25 17.68 -4.34
N VAL B 31 44.48 17.90 -3.26
CA VAL B 31 44.72 17.16 -2.04
C VAL B 31 44.22 15.72 -2.21
N PRO B 32 44.72 14.79 -1.40
CA PRO B 32 44.23 13.40 -1.44
C PRO B 32 42.73 13.34 -1.16
N VAL B 33 42.10 12.42 -1.88
CA VAL B 33 40.68 12.11 -1.66
C VAL B 33 40.57 11.41 -0.31
N PRO B 34 39.87 11.99 0.67
CA PRO B 34 39.69 11.27 1.93
C PRO B 34 39.03 9.91 1.76
N PRO B 35 39.24 8.99 2.72
CA PRO B 35 38.48 7.75 2.78
C PRO B 35 36.99 8.03 2.80
N LEU B 36 36.25 7.16 2.10
CA LEU B 36 34.82 7.32 1.97
C LEU B 36 34.15 7.51 3.33
N GLU B 37 34.64 6.82 4.37
CA GLU B 37 34.03 6.89 5.69
C GLU B 37 34.03 8.33 6.22
N GLU B 38 35.08 9.12 5.88
CA GLU B 38 35.12 10.51 6.35
C GLU B 38 33.99 11.34 5.70
N PHE B 39 33.69 11.06 4.43
CA PHE B 39 32.57 11.75 3.75
C PHE B 39 31.20 11.33 4.33
N ILE B 40 31.03 10.01 4.56
CA ILE B 40 29.79 9.49 5.11
C ILE B 40 29.51 10.12 6.47
N LYS B 41 30.56 10.27 7.30
CA LYS B 41 30.42 10.91 8.59
C LYS B 41 30.04 12.41 8.53
N SER B 42 30.33 13.05 7.41
CA SER B 42 29.98 14.44 7.10
C SER B 42 28.55 14.60 6.55
N ASN B 43 27.91 13.52 6.10
CA ASN B 43 26.59 13.62 5.47
C ASN B 43 25.60 14.26 6.43
N PRO B 44 24.60 15.04 5.97
CA PRO B 44 24.58 15.67 4.64
C PRO B 44 25.28 17.02 4.65
N LEU B 45 25.77 17.44 3.47
CA LEU B 45 26.40 18.74 3.35
C LEU B 45 25.58 19.61 2.39
N GLN B 46 25.77 20.91 2.51
CA GLN B 46 25.14 21.87 1.60
C GLN B 46 26.24 22.52 0.78
N PHE B 47 25.92 22.90 -0.46
CA PHE B 47 26.87 23.68 -1.26
C PHE B 47 26.66 25.17 -1.00
N ALA B 48 27.67 25.80 -0.39
CA ALA B 48 27.69 27.24 -0.14
C ALA B 48 28.05 28.02 -1.41
N TYR B 49 29.04 27.53 -2.17
CA TYR B 49 29.49 28.19 -3.38
C TYR B 49 29.55 27.17 -4.48
N VAL B 50 28.99 27.56 -5.63
CA VAL B 50 29.08 26.77 -6.83
C VAL B 50 29.32 27.67 -8.04
N LEU B 51 29.60 27.09 -9.21
CA LEU B 51 29.86 27.89 -10.41
C LEU B 51 28.61 27.98 -11.28
N THR B 52 28.11 26.85 -11.85
CA THR B 52 26.90 26.90 -12.64
C THR B 52 25.69 27.00 -11.70
N ASP B 53 24.50 27.23 -12.24
CA ASP B 53 23.34 27.34 -11.36
C ASP B 53 22.71 25.96 -11.10
N THR B 54 23.15 24.90 -11.78
CA THR B 54 22.77 23.50 -11.54
C THR B 54 22.76 23.14 -10.05
N PHE B 55 23.78 23.57 -9.27
CA PHE B 55 23.97 23.10 -7.91
C PHE B 55 23.62 24.16 -6.86
N ASP B 56 22.84 25.21 -7.27
CA ASP B 56 22.20 26.06 -6.28
C ASP B 56 21.22 25.26 -5.41
N CYS B 57 21.04 25.68 -4.16
CA CYS B 57 20.04 25.16 -3.24
C CYS B 57 20.14 23.62 -3.13
N THR B 58 21.38 23.12 -3.02
CA THR B 58 21.66 21.71 -3.19
C THR B 58 22.35 21.11 -1.94
N THR B 59 21.91 19.88 -1.59
CA THR B 59 22.44 19.06 -0.51
C THR B 59 23.17 17.86 -1.12
N ARG B 60 24.36 17.57 -0.61
CA ARG B 60 25.17 16.44 -1.00
C ARG B 60 25.10 15.34 0.08
N VAL B 61 24.91 14.12 -0.38
CA VAL B 61 24.96 12.91 0.41
C VAL B 61 25.81 11.92 -0.36
N TYR B 62 26.81 11.36 0.35
CA TYR B 62 27.65 10.30 -0.18
C TYR B 62 27.09 8.94 0.21
N VAL B 63 27.22 7.96 -0.72
CA VAL B 63 26.70 6.63 -0.49
C VAL B 63 27.77 5.60 -0.80
N GLN B 64 27.91 4.60 0.06
N GLN B 64 27.86 4.59 0.07
CA GLN B 64 28.81 3.49 -0.22
CA GLN B 64 28.70 3.41 -0.14
C GLN B 64 28.26 2.68 -1.41
C GLN B 64 28.25 2.68 -1.41
N PRO B 65 29.12 1.87 -2.05
CA PRO B 65 28.67 0.97 -3.11
C PRO B 65 27.65 -0.03 -2.57
N ALA B 66 26.68 -0.41 -3.39
CA ALA B 66 25.77 -1.51 -3.10
C ALA B 66 26.57 -2.78 -2.79
N ARG B 67 26.06 -3.56 -1.85
CA ARG B 67 26.68 -4.83 -1.45
C ARG B 67 27.07 -5.66 -2.69
N LEU B 68 26.21 -5.68 -3.71
CA LEU B 68 26.32 -6.60 -4.85
C LEU B 68 27.02 -5.96 -6.06
N SER B 69 27.45 -4.69 -5.91
CA SER B 69 28.16 -3.99 -6.95
C SER B 69 29.54 -4.64 -7.18
N PRO B 70 29.85 -5.21 -8.37
CA PRO B 70 31.18 -5.83 -8.56
C PRO B 70 32.31 -4.81 -8.54
N ASN B 71 32.07 -3.60 -9.09
CA ASN B 71 33.11 -2.55 -9.18
C ASN B 71 33.27 -1.81 -7.86
N GLN B 72 32.27 -1.88 -6.96
CA GLN B 72 32.35 -1.22 -5.66
C GLN B 72 32.65 0.28 -5.77
N ALA B 73 32.11 0.97 -6.79
CA ALA B 73 32.15 2.42 -6.84
C ALA B 73 31.16 3.03 -5.82
N ALA B 74 31.61 4.04 -5.09
CA ALA B 74 30.73 4.88 -4.28
C ALA B 74 29.96 5.86 -5.17
N THR B 75 29.01 6.55 -4.55
CA THR B 75 28.07 7.40 -5.26
C THR B 75 27.91 8.70 -4.50
N ALA B 76 27.99 9.77 -5.28
CA ALA B 76 27.66 11.11 -4.82
C ALA B 76 26.24 11.47 -5.27
N LEU B 77 25.40 11.87 -4.32
CA LEU B 77 24.04 12.34 -4.57
C LEU B 77 24.01 13.86 -4.41
N ASP B 78 23.51 14.56 -5.44
CA ASP B 78 23.27 16.01 -5.41
C ASP B 78 21.78 16.25 -5.51
N ILE B 79 21.18 16.63 -4.39
CA ILE B 79 19.75 16.67 -4.20
C ILE B 79 19.31 18.13 -4.11
N ARG B 80 18.36 18.48 -5.01
CA ARG B 80 17.77 19.81 -5.07
C ARG B 80 16.25 19.69 -5.11
N GLY B 81 15.63 19.83 -3.94
CA GLY B 81 14.20 19.64 -3.79
C GLY B 81 13.81 18.19 -4.05
N SER B 82 13.03 18.00 -5.14
CA SER B 82 12.51 16.71 -5.57
C SER B 82 13.33 16.11 -6.69
N ARG B 83 14.42 16.78 -7.07
CA ARG B 83 15.25 16.23 -8.13
C ARG B 83 16.63 15.86 -7.56
N ILE B 84 17.31 14.94 -8.24
CA ILE B 84 18.60 14.42 -7.81
C ILE B 84 19.46 14.15 -9.04
N ILE B 85 20.73 14.52 -8.90
CA ILE B 85 21.81 14.17 -9.82
C ILE B 85 22.70 13.18 -9.08
N THR B 86 23.09 12.11 -9.77
CA THR B 86 23.87 11.03 -9.19
C THR B 86 25.07 10.77 -10.08
N ASN B 87 26.18 10.52 -9.39
CA ASN B 87 27.43 10.18 -10.03
C ASN B 87 28.13 9.12 -9.19
N ASP B 88 28.39 7.95 -9.76
CA ASP B 88 29.38 7.05 -9.20
C ASP B 88 30.76 7.71 -9.30
N PHE B 89 31.68 7.36 -8.37
CA PHE B 89 33.05 7.83 -8.49
C PHE B 89 34.03 6.78 -8.00
N VAL B 90 35.21 6.81 -8.67
CA VAL B 90 36.37 6.05 -8.30
C VAL B 90 37.60 6.97 -8.32
N GLY B 91 38.63 6.52 -7.61
CA GLY B 91 39.92 7.18 -7.56
C GLY B 91 40.60 7.10 -8.91
N GLY B 92 41.30 8.17 -9.26
CA GLY B 92 42.14 8.19 -10.45
C GLY B 92 43.52 8.76 -10.12
N PRO B 93 44.38 8.93 -11.17
CA PRO B 93 45.72 9.50 -11.01
C PRO B 93 45.70 10.93 -10.47
N ASN B 94 46.81 11.35 -9.84
CA ASN B 94 46.98 12.76 -9.48
CA ASN B 94 47.02 12.74 -9.41
C ASN B 94 45.91 13.18 -8.44
N ASN B 95 45.49 12.24 -7.56
CA ASN B 95 44.51 12.55 -6.52
C ASN B 95 43.15 12.95 -7.10
N SER B 96 42.80 12.37 -8.26
CA SER B 96 41.53 12.68 -8.92
C SER B 96 40.45 11.72 -8.42
N ALA B 97 39.21 12.20 -8.59
CA ALA B 97 38.00 11.37 -8.52
C ALA B 97 37.36 11.43 -9.90
N ILE B 98 37.12 10.26 -10.52
CA ILE B 98 36.51 10.17 -11.83
C ILE B 98 35.02 9.85 -11.61
N LEU B 99 34.14 10.77 -12.01
CA LEU B 99 32.70 10.62 -11.82
C LEU B 99 32.05 10.11 -13.13
N ASN B 100 31.05 9.26 -12.95
CA ASN B 100 30.27 8.69 -14.05
C ASN B 100 28.84 9.07 -13.76
N ASN B 101 28.27 9.94 -14.60
CA ASN B 101 26.92 10.40 -14.42
C ASN B 101 26.00 9.20 -14.66
N CYS B 102 25.15 8.91 -13.65
CA CYS B 102 24.39 7.66 -13.69
C CYS B 102 23.24 7.70 -14.72
N THR B 103 22.83 8.91 -15.09
CA THR B 103 21.77 9.17 -16.04
C THR B 103 22.35 9.21 -17.46
N THR B 104 23.52 9.83 -17.70
CA THR B 104 24.01 10.04 -19.06
C THR B 104 25.23 9.18 -19.36
N GLY B 105 25.94 8.66 -18.35
CA GLY B 105 27.21 7.99 -18.59
C GLY B 105 28.38 8.95 -18.86
N GLU B 106 28.15 10.26 -18.78
CA GLU B 106 29.20 11.25 -18.95
C GLU B 106 30.24 11.14 -17.82
N LYS B 107 31.51 11.21 -18.20
CA LYS B 107 32.63 11.18 -17.26
C LYS B 107 33.15 12.58 -17.03
N ALA B 108 33.70 12.77 -15.83
CA ALA B 108 34.36 14.01 -15.48
C ALA B 108 35.43 13.73 -14.44
N THR B 109 36.57 14.42 -14.57
CA THR B 109 37.70 14.32 -13.65
C THR B 109 37.69 15.48 -12.66
N TRP B 110 37.52 15.13 -11.35
CA TRP B 110 37.37 16.09 -10.28
C TRP B 110 38.58 16.02 -9.37
N TYR B 111 38.85 17.14 -8.69
CA TYR B 111 39.90 17.20 -7.69
C TYR B 111 39.33 17.90 -6.48
N PHE B 112 40.01 17.75 -5.35
CA PHE B 112 39.72 18.50 -4.14
C PHE B 112 40.79 19.59 -3.98
N GLN B 113 40.33 20.84 -3.99
CA GLN B 113 41.17 21.97 -3.64
C GLN B 113 41.66 21.87 -2.20
N TYR B 114 40.77 21.47 -1.28
CA TYR B 114 41.13 21.11 0.08
C TYR B 114 39.95 20.30 0.63
N THR B 115 40.22 19.56 1.71
CA THR B 115 39.19 18.94 2.53
C THR B 115 39.56 19.24 3.97
N ASN B 116 38.52 19.39 4.78
CA ASN B 116 38.63 19.55 6.22
C ASN B 116 37.39 18.91 6.84
N LEU B 117 37.35 17.56 6.83
CA LEU B 117 36.18 16.80 7.26
C LEU B 117 36.31 16.42 8.72
N ASN B 118 35.17 16.60 9.42
CA ASN B 118 34.95 16.03 10.75
C ASN B 118 35.87 16.68 11.78
N THR B 119 36.03 18.01 11.70
CA THR B 119 36.73 18.73 12.75
C THR B 119 35.74 18.93 13.90
N PRO B 120 36.16 19.45 15.06
CA PRO B 120 35.21 19.86 16.11
C PRO B 120 34.23 20.98 15.77
N ASN B 121 34.43 21.60 14.59
CA ASN B 121 33.49 22.60 14.06
C ASN B 121 32.79 22.08 12.81
N GLY B 122 32.82 20.75 12.57
CA GLY B 122 32.19 20.18 11.40
C GLY B 122 33.11 20.08 10.18
N SER B 123 32.47 19.92 9.02
CA SER B 123 33.12 19.52 7.79
C SER B 123 33.02 20.61 6.72
N SER B 124 34.07 20.75 5.89
CA SER B 124 33.97 21.53 4.67
C SER B 124 34.93 20.95 3.65
N TYR B 125 34.72 21.28 2.37
CA TYR B 125 35.69 20.95 1.34
C TYR B 125 35.31 21.81 0.12
N CYS B 126 36.24 21.99 -0.83
CA CYS B 126 35.96 22.60 -2.12
C CYS B 126 36.51 21.67 -3.18
N ALA B 127 35.68 21.35 -4.16
CA ALA B 127 36.07 20.45 -5.23
C ALA B 127 35.82 21.16 -6.56
N TYR B 128 36.52 20.71 -7.60
CA TYR B 128 36.40 21.37 -8.91
C TYR B 128 36.70 20.39 -10.04
N THR B 129 36.23 20.79 -11.23
CA THR B 129 36.57 20.11 -12.46
C THR B 129 36.88 21.19 -13.51
N CYS B 130 37.79 20.86 -14.42
CA CYS B 130 38.42 21.80 -15.32
C CYS B 130 37.98 21.57 -16.76
N ASN B 131 38.05 22.67 -17.52
CA ASN B 131 38.07 22.62 -18.97
C ASN B 131 39.41 23.27 -19.39
N GLY B 132 40.48 22.47 -19.41
CA GLY B 132 41.85 22.99 -19.57
C GLY B 132 42.24 23.93 -18.43
N GLU B 133 42.47 25.20 -18.77
CA GLU B 133 42.88 26.21 -17.80
C GLU B 133 41.67 26.87 -17.14
N GLU B 134 40.49 26.58 -17.72
CA GLU B 134 39.25 27.14 -17.21
C GLU B 134 38.63 26.21 -16.17
N ILE B 135 37.97 26.78 -15.17
CA ILE B 135 37.14 25.97 -14.28
C ILE B 135 35.75 25.78 -14.91
N ALA B 136 35.38 24.50 -15.10
CA ALA B 136 34.07 24.12 -15.63
C ALA B 136 32.98 24.03 -14.55
N GLU B 137 33.29 23.42 -13.38
CA GLU B 137 32.37 23.42 -12.24
C GLU B 137 33.18 23.50 -10.93
N TYR B 138 32.56 24.13 -9.93
CA TYR B 138 33.08 24.32 -8.59
C TYR B 138 31.99 24.02 -7.57
N LYS B 139 32.35 23.25 -6.53
N LYS B 139 32.34 23.28 -6.51
N LYS B 139 32.29 23.16 -6.57
CA LYS B 139 31.42 22.82 -5.49
CA LYS B 139 31.37 23.02 -5.47
CA LYS B 139 31.36 22.82 -5.50
C LYS B 139 32.12 22.96 -4.13
C LYS B 139 32.07 22.97 -4.12
C LYS B 139 32.11 22.97 -4.15
N CYS B 140 31.72 23.96 -3.31
CA CYS B 140 32.20 24.09 -1.96
C CYS B 140 31.06 23.70 -1.01
N ALA B 141 31.29 22.62 -0.26
CA ALA B 141 30.33 22.01 0.65
C ALA B 141 30.73 22.21 2.10
N ASN B 142 29.74 22.29 2.96
CA ASN B 142 29.99 22.30 4.39
C ASN B 142 28.74 21.85 5.15
N ASN B 143 28.89 21.57 6.45
CA ASN B 143 27.75 21.30 7.32
C ASN B 143 27.78 22.21 8.54
N ASN B 144 28.46 23.35 8.42
CA ASN B 144 28.59 24.27 9.56
C ASN B 144 28.17 25.71 9.19
N ASN B 145 27.40 25.87 8.11
CA ASN B 145 26.98 27.19 7.63
C ASN B 145 28.14 28.12 7.29
N GLY B 146 29.21 27.55 6.76
CA GLY B 146 30.15 28.34 6.01
C GLY B 146 31.16 29.05 6.91
N THR B 147 31.43 28.52 8.10
CA THR B 147 32.37 29.13 9.05
C THR B 147 33.84 28.67 8.97
N ASP B 148 34.16 27.67 8.15
CA ASP B 148 35.53 27.20 8.07
C ASP B 148 36.42 28.22 7.33
N PRO B 149 37.49 28.78 7.93
CA PRO B 149 38.31 29.77 7.25
C PRO B 149 38.95 29.28 5.97
N LEU B 150 39.20 27.96 5.89
CA LEU B 150 39.77 27.37 4.70
C LEU B 150 38.87 27.63 3.50
N GLN B 151 37.54 27.58 3.73
CA GLN B 151 36.60 27.65 2.60
C GLN B 151 36.60 29.08 2.02
N LYS B 152 36.70 30.09 2.87
CA LYS B 152 36.73 31.49 2.43
C LYS B 152 37.95 31.75 1.54
N GLN B 153 39.13 31.29 2.00
CA GLN B 153 40.34 31.46 1.22
C GLN B 153 40.30 30.66 -0.07
N ALA B 154 39.78 29.42 -0.04
CA ALA B 154 39.67 28.58 -1.23
C ALA B 154 38.83 29.27 -2.32
N VAL B 155 37.71 29.82 -1.91
CA VAL B 155 36.79 30.43 -2.86
C VAL B 155 37.46 31.64 -3.51
N GLU B 156 38.13 32.49 -2.71
CA GLU B 156 38.81 33.66 -3.26
C GLU B 156 39.86 33.25 -4.30
N VAL B 157 40.58 32.14 -4.07
CA VAL B 157 41.55 31.62 -5.03
C VAL B 157 40.84 31.19 -6.33
N ALA B 158 39.74 30.41 -6.20
CA ALA B 158 39.08 29.82 -7.36
C ALA B 158 38.48 30.93 -8.24
N LYS B 159 38.00 32.01 -7.61
CA LYS B 159 37.32 33.06 -8.33
C LYS B 159 38.27 33.75 -9.33
N LYS B 160 39.60 33.69 -9.13
CA LYS B 160 40.57 34.37 -9.97
C LYS B 160 41.04 33.48 -11.11
N VAL B 161 40.59 32.23 -11.13
CA VAL B 161 40.90 31.34 -12.22
C VAL B 161 39.96 31.70 -13.38
N PRO B 162 40.35 31.44 -14.67
CA PRO B 162 39.45 31.70 -15.81
C PRO B 162 38.12 30.96 -15.69
N ASN B 163 37.02 31.75 -15.72
CA ASN B 163 35.63 31.31 -15.65
C ASN B 163 35.19 31.25 -14.18
N GLY B 164 36.08 31.54 -13.24
CA GLY B 164 35.72 31.54 -11.84
C GLY B 164 34.92 32.75 -11.39
N ASP B 165 34.78 33.75 -12.29
CA ASP B 165 33.96 34.92 -11.99
C ASP B 165 32.51 34.47 -11.81
N LYS B 166 32.13 33.33 -12.36
CA LYS B 166 30.76 32.84 -12.26
C LYS B 166 30.48 32.22 -10.90
N ILE B 167 31.54 31.86 -10.15
CA ILE B 167 31.36 31.26 -8.82
C ILE B 167 30.57 32.23 -7.95
N HIS B 168 29.54 31.71 -7.26
CA HIS B 168 28.62 32.54 -6.51
C HIS B 168 28.07 31.80 -5.30
N TYR B 169 27.62 32.55 -4.29
CA TYR B 169 26.99 31.97 -3.13
C TYR B 169 25.69 31.33 -3.57
N ALA B 170 25.39 30.10 -3.07
CA ALA B 170 24.43 29.24 -3.75
C ALA B 170 23.14 29.09 -2.95
N LEU B 171 23.06 29.69 -1.77
CA LEU B 171 22.04 29.32 -0.80
C LEU B 171 21.09 30.47 -0.48
N ASP B 172 21.08 31.48 -1.36
CA ASP B 172 20.13 32.60 -1.32
C ASP B 172 18.82 32.29 -2.03
N ASN B 173 17.70 32.75 -1.46
CA ASN B 173 16.39 32.67 -2.11
C ASN B 173 16.08 31.26 -2.52
N CYS B 174 16.43 30.28 -1.65
CA CYS B 174 16.08 28.90 -1.93
C CYS B 174 14.62 28.66 -1.50
N PRO B 175 13.94 27.59 -1.98
CA PRO B 175 12.56 27.32 -1.57
C PRO B 175 12.38 27.10 -0.08
N GLU B 176 11.17 27.45 0.36
CA GLU B 176 10.74 27.28 1.73
C GLU B 176 10.78 25.80 2.08
N HIS B 177 10.99 25.48 3.36
CA HIS B 177 10.99 24.10 3.86
C HIS B 177 9.57 23.76 4.34
N HIS B 178 9.32 22.46 4.59
CA HIS B 178 8.09 21.99 5.21
C HIS B 178 8.42 20.96 6.30
N GLY B 179 9.25 21.37 7.27
CA GLY B 179 9.47 20.63 8.49
C GLY B 179 10.73 19.76 8.52
N CYS B 180 11.50 19.71 7.45
CA CYS B 180 12.79 19.03 7.45
C CYS B 180 13.90 20.08 7.39
N PHE B 181 15.03 19.79 8.02
CA PHE B 181 16.13 20.75 8.14
C PHE B 181 16.86 20.90 6.80
N ALA B 182 17.22 19.80 6.15
CA ALA B 182 18.20 19.88 5.06
C ALA B 182 17.61 19.48 3.69
N PHE B 183 16.32 19.15 3.65
CA PHE B 183 15.64 18.79 2.42
C PHE B 183 14.34 19.57 2.35
N TYR B 184 13.79 19.69 1.14
CA TYR B 184 12.61 20.53 0.93
C TYR B 184 11.83 20.05 -0.31
N PRO C 22 -7.86 -21.20 -26.79
CA PRO C 22 -7.50 -22.31 -25.93
C PRO C 22 -6.06 -22.77 -26.13
N MET C 23 -5.46 -22.48 -27.30
CA MET C 23 -4.02 -22.35 -27.35
C MET C 23 -3.71 -21.00 -26.71
N THR C 24 -4.34 -19.88 -27.09
CA THR C 24 -4.00 -18.59 -26.49
C THR C 24 -5.22 -17.97 -25.80
N CYS C 25 -4.99 -17.05 -24.86
CA CYS C 25 -6.01 -16.53 -23.96
C CYS C 25 -7.16 -15.91 -24.76
N ASP C 26 -6.80 -15.20 -25.83
CA ASP C 26 -7.73 -14.46 -26.66
C ASP C 26 -8.71 -15.41 -27.37
N LYS C 27 -8.40 -16.69 -27.46
CA LYS C 27 -9.21 -17.68 -28.18
C LYS C 27 -9.95 -18.60 -27.21
N LEU C 28 -9.86 -18.35 -25.90
CA LEU C 28 -10.63 -19.16 -24.95
C LEU C 28 -12.12 -18.99 -25.22
N PRO C 29 -12.95 -19.97 -24.79
CA PRO C 29 -14.40 -19.84 -24.86
C PRO C 29 -14.89 -18.61 -24.08
N LYS C 30 -16.03 -18.08 -24.56
CA LYS C 30 -16.69 -16.88 -24.05
C LYS C 30 -18.20 -17.15 -24.02
N VAL C 31 -18.64 -17.84 -22.96
CA VAL C 31 -20.05 -18.11 -22.80
C VAL C 31 -20.79 -16.87 -22.30
N PRO C 32 -22.11 -16.82 -22.53
CA PRO C 32 -22.93 -15.69 -22.08
C PRO C 32 -22.88 -15.58 -20.56
N VAL C 33 -22.82 -14.33 -20.09
CA VAL C 33 -22.85 -14.03 -18.67
C VAL C 33 -24.26 -14.37 -18.21
N PRO C 34 -24.43 -15.29 -17.23
CA PRO C 34 -25.76 -15.58 -16.71
C PRO C 34 -26.42 -14.35 -16.11
N PRO C 35 -27.76 -14.34 -16.05
CA PRO C 35 -28.48 -13.31 -15.31
C PRO C 35 -27.94 -13.26 -13.88
N LEU C 36 -27.95 -12.06 -13.35
CA LEU C 36 -27.44 -11.82 -11.99
C LEU C 36 -28.11 -12.71 -10.96
N GLU C 37 -29.43 -13.00 -11.10
N GLU C 37 -29.43 -12.97 -11.13
CA GLU C 37 -30.11 -13.80 -10.08
CA GLU C 37 -30.19 -13.82 -10.23
C GLU C 37 -29.53 -15.22 -10.02
C GLU C 37 -29.54 -15.18 -10.04
N GLU C 38 -28.97 -15.74 -11.12
CA GLU C 38 -28.39 -17.06 -11.08
C GLU C 38 -27.11 -17.03 -10.23
N PHE C 39 -26.38 -15.91 -10.27
CA PHE C 39 -25.19 -15.77 -9.43
C PHE C 39 -25.58 -15.60 -7.98
N ILE C 40 -26.60 -14.76 -7.75
CA ILE C 40 -27.03 -14.53 -6.38
C ILE C 40 -27.51 -15.83 -5.74
N LYS C 41 -28.22 -16.69 -6.50
CA LYS C 41 -28.64 -17.96 -5.95
C LYS C 41 -27.48 -18.92 -5.65
N SER C 42 -26.29 -18.68 -6.21
CA SER C 42 -25.09 -19.48 -5.99
C SER C 42 -24.27 -19.03 -4.79
N ASN C 43 -24.58 -17.84 -4.23
CA ASN C 43 -23.76 -17.24 -3.19
C ASN C 43 -23.80 -18.10 -1.95
N PRO C 44 -22.72 -18.21 -1.15
CA PRO C 44 -21.36 -17.86 -1.53
C PRO C 44 -20.65 -19.00 -2.26
N LEU C 45 -19.64 -18.65 -3.07
CA LEU C 45 -18.79 -19.60 -3.75
C LEU C 45 -17.36 -19.47 -3.22
N GLN C 46 -16.53 -20.50 -3.47
CA GLN C 46 -15.11 -20.43 -3.16
C GLN C 46 -14.34 -20.66 -4.46
N PHE C 47 -13.13 -20.17 -4.51
CA PHE C 47 -12.28 -20.38 -5.67
C PHE C 47 -11.40 -21.59 -5.44
N ALA C 48 -11.62 -22.61 -6.29
CA ALA C 48 -10.84 -23.83 -6.24
C ALA C 48 -9.49 -23.66 -6.93
N TYR C 49 -9.48 -23.00 -8.10
CA TYR C 49 -8.29 -22.79 -8.89
C TYR C 49 -8.19 -21.32 -9.28
N VAL C 50 -6.99 -20.74 -9.09
CA VAL C 50 -6.75 -19.35 -9.46
C VAL C 50 -5.33 -19.27 -10.07
N LEU C 51 -4.99 -18.14 -10.70
CA LEU C 51 -3.65 -17.99 -11.28
C LEU C 51 -2.70 -17.27 -10.31
N THR C 52 -2.94 -16.00 -9.97
CA THR C 52 -2.04 -15.31 -9.03
C THR C 52 -2.30 -15.83 -7.62
N ASP C 53 -1.52 -15.33 -6.64
CA ASP C 53 -1.71 -15.65 -5.24
C ASP C 53 -2.92 -14.91 -4.65
N THR C 54 -3.38 -13.83 -5.30
CA THR C 54 -4.35 -12.86 -4.76
C THR C 54 -5.64 -13.54 -4.28
N PHE C 55 -6.15 -14.50 -5.08
CA PHE C 55 -7.47 -15.06 -4.80
C PHE C 55 -7.37 -16.47 -4.21
N ASP C 56 -6.23 -16.81 -3.58
CA ASP C 56 -6.19 -18.00 -2.73
C ASP C 56 -7.09 -17.81 -1.52
N CYS C 57 -7.61 -18.90 -0.98
CA CYS C 57 -8.41 -18.93 0.24
C CYS C 57 -9.55 -17.88 0.26
N THR C 58 -10.27 -17.77 -0.87
CA THR C 58 -11.16 -16.64 -1.12
C THR C 58 -12.59 -17.15 -1.35
N THR C 59 -13.53 -16.37 -0.83
CA THR C 59 -14.97 -16.54 -1.03
C THR C 59 -15.48 -15.39 -1.89
N ARG C 60 -16.30 -15.73 -2.89
CA ARG C 60 -17.00 -14.78 -3.75
C ARG C 60 -18.49 -14.66 -3.36
N VAL C 61 -18.96 -13.40 -3.28
CA VAL C 61 -20.35 -13.02 -3.06
C VAL C 61 -20.70 -11.94 -4.09
N TYR C 62 -21.78 -12.23 -4.83
CA TYR C 62 -22.40 -11.29 -5.76
C TYR C 62 -23.46 -10.45 -5.05
N VAL C 63 -23.52 -9.17 -5.41
CA VAL C 63 -24.44 -8.23 -4.83
C VAL C 63 -25.15 -7.48 -5.94
N GLN C 64 -26.48 -7.32 -5.81
N GLN C 64 -26.48 -7.33 -5.81
CA GLN C 64 -27.24 -6.49 -6.72
CA GLN C 64 -27.26 -6.49 -6.70
C GLN C 64 -26.81 -5.02 -6.55
C GLN C 64 -26.83 -5.02 -6.55
N PRO C 65 -27.10 -4.15 -7.55
CA PRO C 65 -26.90 -2.71 -7.38
C PRO C 65 -27.74 -2.17 -6.24
N ALA C 66 -27.20 -1.17 -5.58
CA ALA C 66 -27.96 -0.39 -4.62
C ALA C 66 -29.19 0.19 -5.32
N ARG C 67 -30.28 0.31 -4.56
CA ARG C 67 -31.55 0.85 -5.05
C ARG C 67 -31.35 2.21 -5.71
N LEU C 68 -30.50 3.06 -5.10
CA LEU C 68 -30.28 4.42 -5.61
C LEU C 68 -29.13 4.53 -6.63
N SER C 69 -28.51 3.41 -7.02
CA SER C 69 -27.38 3.48 -7.96
C SER C 69 -27.91 3.84 -9.35
N PRO C 70 -27.51 4.99 -9.98
CA PRO C 70 -28.05 5.35 -11.30
C PRO C 70 -27.64 4.35 -12.39
N ASN C 71 -26.43 3.78 -12.30
CA ASN C 71 -25.95 2.91 -13.38
C ASN C 71 -26.43 1.45 -13.18
N GLN C 72 -26.87 1.10 -11.97
CA GLN C 72 -27.42 -0.22 -11.64
C GLN C 72 -26.36 -1.30 -11.94
N ALA C 73 -25.07 -1.00 -11.74
CA ALA C 73 -24.06 -2.06 -11.86
C ALA C 73 -24.13 -2.96 -10.63
N ALA C 74 -24.00 -4.27 -10.86
CA ALA C 74 -23.88 -5.27 -9.82
C ALA C 74 -22.44 -5.25 -9.32
N THR C 75 -22.18 -5.97 -8.23
CA THR C 75 -20.85 -5.93 -7.60
C THR C 75 -20.40 -7.34 -7.24
N ALA C 76 -19.13 -7.62 -7.53
CA ALA C 76 -18.48 -8.85 -7.11
C ALA C 76 -17.59 -8.54 -5.90
N LEU C 77 -17.82 -9.29 -4.83
CA LEU C 77 -17.05 -9.22 -3.59
C LEU C 77 -16.13 -10.43 -3.52
N ASP C 78 -14.81 -10.19 -3.40
CA ASP C 78 -13.85 -11.26 -3.19
C ASP C 78 -13.27 -11.11 -1.79
N ILE C 79 -13.64 -12.07 -0.93
CA ILE C 79 -13.47 -11.96 0.51
C ILE C 79 -12.43 -12.99 0.95
N ARG C 80 -11.39 -12.49 1.67
CA ARG C 80 -10.33 -13.36 2.18
C ARG C 80 -9.99 -12.91 3.59
N GLY C 81 -10.56 -13.61 4.58
CA GLY C 81 -10.46 -13.22 5.98
C GLY C 81 -11.09 -11.84 6.23
N SER C 82 -10.28 -10.86 6.70
CA SER C 82 -10.75 -9.49 6.94
C SER C 82 -10.62 -8.56 5.72
N ARG C 83 -10.08 -9.06 4.61
CA ARG C 83 -9.81 -8.29 3.43
C ARG C 83 -10.91 -8.51 2.38
N ILE C 84 -11.36 -7.45 1.76
CA ILE C 84 -12.31 -7.51 0.66
C ILE C 84 -11.75 -6.73 -0.51
N ILE C 85 -11.95 -7.32 -1.71
CA ILE C 85 -11.66 -6.69 -2.98
C ILE C 85 -13.02 -6.56 -3.66
N THR C 86 -13.34 -5.36 -4.16
CA THR C 86 -14.68 -5.12 -4.69
C THR C 86 -14.56 -4.60 -6.11
N ASN C 87 -15.48 -5.07 -6.97
CA ASN C 87 -15.51 -4.70 -8.37
C ASN C 87 -16.97 -4.57 -8.80
N ASP C 88 -17.40 -3.38 -9.19
CA ASP C 88 -18.68 -3.29 -9.90
C ASP C 88 -18.44 -3.90 -11.27
N PHE C 89 -19.52 -4.41 -11.91
CA PHE C 89 -19.35 -4.97 -13.25
C PHE C 89 -20.61 -4.71 -14.09
N VAL C 90 -20.39 -4.58 -15.41
CA VAL C 90 -21.47 -4.41 -16.38
C VAL C 90 -21.11 -5.29 -17.58
N GLY C 91 -22.11 -5.64 -18.38
CA GLY C 91 -21.92 -6.42 -19.58
C GLY C 91 -21.14 -5.60 -20.59
N GLY C 92 -20.28 -6.26 -21.37
CA GLY C 92 -19.62 -5.61 -22.47
C GLY C 92 -19.71 -6.49 -23.73
N PRO C 93 -19.04 -6.10 -24.84
CA PRO C 93 -19.10 -6.88 -26.08
C PRO C 93 -18.43 -8.24 -25.95
N ASN C 94 -18.86 -9.15 -26.85
N ASN C 94 -18.85 -9.16 -26.85
CA ASN C 94 -18.33 -10.50 -26.99
CA ASN C 94 -18.21 -13.76 -27.30
CA ASN C 94 -18.26 -10.46 -26.98
C ASN C 94 -18.49 -11.25 -25.66
C ASN C 94 -18.48 -11.26 -25.67
N ASN C 95 -19.63 -11.06 -25.01
CA ASN C 95 -19.98 -11.77 -23.78
C ASN C 95 -18.98 -11.48 -22.64
N SER C 96 -18.46 -10.24 -22.60
CA SER C 96 -17.55 -9.79 -21.56
C SER C 96 -18.33 -9.23 -20.36
N ALA C 97 -17.66 -9.25 -19.20
CA ALA C 97 -18.02 -8.44 -18.05
C ALA C 97 -16.85 -7.47 -17.82
N ILE C 98 -17.17 -6.18 -17.76
CA ILE C 98 -16.17 -5.15 -17.52
C ILE C 98 -16.22 -4.81 -16.03
N LEU C 99 -15.11 -5.10 -15.34
CA LEU C 99 -15.01 -4.88 -13.90
C LEU C 99 -14.35 -3.53 -13.62
N ASN C 100 -14.91 -2.81 -12.66
CA ASN C 100 -14.39 -1.53 -12.22
C ASN C 100 -13.99 -1.70 -10.77
N ASN C 101 -12.68 -1.66 -10.50
N ASN C 101 -12.67 -1.65 -10.50
CA ASN C 101 -12.20 -1.84 -9.16
CA ASN C 101 -12.12 -1.78 -9.16
C ASN C 101 -12.64 -0.63 -8.34
C ASN C 101 -12.63 -0.60 -8.32
N CYS C 102 -13.34 -0.87 -7.23
CA CYS C 102 -14.00 0.19 -6.50
C CYS C 102 -13.02 1.11 -5.76
N THR C 103 -11.76 0.66 -5.55
CA THR C 103 -10.73 1.46 -4.89
C THR C 103 -9.89 2.28 -5.87
N THR C 104 -9.80 1.90 -7.15
CA THR C 104 -8.90 2.59 -8.06
C THR C 104 -9.57 3.06 -9.33
N GLY C 105 -10.73 2.49 -9.69
CA GLY C 105 -11.33 2.85 -10.96
C GLY C 105 -10.71 2.13 -12.15
N GLU C 106 -9.80 1.20 -11.91
CA GLU C 106 -9.20 0.44 -12.98
C GLU C 106 -10.23 -0.57 -13.54
N LYS C 107 -10.24 -0.69 -14.88
CA LYS C 107 -11.13 -1.57 -15.63
C LYS C 107 -10.38 -2.82 -16.06
N ALA C 108 -11.07 -3.96 -16.04
CA ALA C 108 -10.57 -5.21 -16.55
C ALA C 108 -11.71 -5.91 -17.30
N THR C 109 -11.38 -6.46 -18.46
CA THR C 109 -12.30 -7.22 -19.28
C THR C 109 -12.21 -8.70 -18.95
N TRP C 110 -13.32 -9.23 -18.41
CA TRP C 110 -13.41 -10.62 -18.03
C TRP C 110 -14.39 -11.38 -18.94
N TYR C 111 -14.12 -12.67 -19.06
CA TYR C 111 -14.97 -13.62 -19.74
C TYR C 111 -15.18 -14.85 -18.88
N PHE C 112 -16.24 -15.60 -19.20
CA PHE C 112 -16.50 -16.92 -18.64
C PHE C 112 -16.11 -17.97 -19.66
N GLN C 113 -15.18 -18.82 -19.25
CA GLN C 113 -14.84 -20.01 -20.01
C GLN C 113 -16.04 -20.95 -20.05
N TYR C 114 -16.75 -21.12 -18.91
CA TYR C 114 -18.03 -21.82 -18.84
C TYR C 114 -18.72 -21.39 -17.55
N THR C 115 -20.04 -21.56 -17.53
CA THR C 115 -20.80 -21.44 -16.29
C THR C 115 -21.68 -22.68 -16.17
N ASN C 116 -21.90 -23.12 -14.93
CA ASN C 116 -22.83 -24.21 -14.66
C ASN C 116 -23.48 -23.98 -13.30
N LEU C 117 -24.36 -23.00 -13.26
CA LEU C 117 -24.92 -22.46 -12.02
C LEU C 117 -26.21 -23.19 -11.69
N ASN C 118 -26.31 -23.56 -10.42
CA ASN C 118 -27.60 -23.97 -9.80
C ASN C 118 -28.08 -25.31 -10.38
N THR C 119 -27.13 -26.23 -10.57
CA THR C 119 -27.47 -27.61 -10.94
C THR C 119 -27.93 -28.33 -9.68
N PRO C 120 -28.43 -29.59 -9.79
CA PRO C 120 -28.70 -30.38 -8.58
C PRO C 120 -27.48 -30.80 -7.76
N ASN C 121 -26.29 -30.54 -8.30
CA ASN C 121 -25.03 -30.71 -7.59
C ASN C 121 -24.40 -29.34 -7.33
N GLY C 122 -25.16 -28.25 -7.35
CA GLY C 122 -24.64 -26.93 -7.00
C GLY C 122 -24.07 -26.21 -8.24
N SER C 123 -23.19 -25.26 -8.00
CA SER C 123 -22.80 -24.25 -8.96
C SER C 123 -21.30 -24.31 -9.20
N SER C 124 -20.88 -24.09 -10.45
CA SER C 124 -19.47 -23.85 -10.72
C SER C 124 -19.37 -22.93 -11.94
N TYR C 125 -18.22 -22.26 -12.05
CA TYR C 125 -17.86 -21.50 -13.24
C TYR C 125 -16.34 -21.32 -13.25
N CYS C 126 -15.81 -21.03 -14.45
CA CYS C 126 -14.43 -20.53 -14.59
C CYS C 126 -14.46 -19.25 -15.42
N ALA C 127 -13.76 -18.22 -14.91
CA ALA C 127 -13.70 -16.90 -15.53
C ALA C 127 -12.22 -16.51 -15.70
N TYR C 128 -11.95 -15.62 -16.63
CA TYR C 128 -10.56 -15.26 -16.89
C TYR C 128 -10.50 -13.87 -17.49
N THR C 129 -9.30 -13.28 -17.35
CA THR C 129 -8.97 -12.02 -17.98
C THR C 129 -7.57 -12.17 -18.60
N CYS C 130 -7.38 -11.51 -19.73
CA CYS C 130 -6.25 -11.77 -20.60
C CYS C 130 -5.29 -10.57 -20.59
N ASN C 131 -4.03 -10.85 -20.87
CA ASN C 131 -3.06 -9.84 -21.28
C ASN C 131 -2.60 -10.23 -22.68
N GLY C 132 -3.36 -9.83 -23.70
CA GLY C 132 -3.16 -10.32 -25.06
C GLY C 132 -3.36 -11.82 -25.19
N GLU C 133 -2.28 -12.56 -25.44
CA GLU C 133 -2.37 -14.01 -25.63
C GLU C 133 -2.18 -14.76 -24.32
N GLU C 134 -1.68 -14.05 -23.31
CA GLU C 134 -1.45 -14.71 -22.03
CA GLU C 134 -1.42 -14.62 -22.01
C GLU C 134 -2.66 -14.45 -21.11
N ILE C 135 -2.83 -15.36 -20.16
CA ILE C 135 -3.87 -15.16 -19.16
C ILE C 135 -3.27 -14.36 -17.99
N ALA C 136 -3.95 -13.29 -17.59
CA ALA C 136 -3.50 -12.40 -16.50
C ALA C 136 -4.06 -12.90 -15.17
N GLU C 137 -5.34 -13.32 -15.17
CA GLU C 137 -5.94 -13.91 -13.97
C GLU C 137 -7.00 -14.93 -14.40
N TYR C 138 -7.18 -15.91 -13.53
CA TYR C 138 -8.06 -17.05 -13.70
C TYR C 138 -8.72 -17.37 -12.37
N LYS C 139 -10.06 -17.52 -12.40
CA LYS C 139 -10.82 -17.77 -11.17
C LYS C 139 -11.86 -18.87 -11.47
N CYS C 140 -11.68 -20.07 -10.88
CA CYS C 140 -12.67 -21.12 -10.91
C CYS C 140 -13.34 -21.22 -9.55
N ALA C 141 -14.64 -20.97 -9.56
CA ALA C 141 -15.52 -20.87 -8.39
C ALA C 141 -16.49 -22.05 -8.36
N ASN C 142 -16.87 -22.48 -7.14
CA ASN C 142 -17.90 -23.48 -6.94
C ASN C 142 -18.38 -23.42 -5.50
N ASN C 143 -19.51 -24.09 -5.25
CA ASN C 143 -20.04 -24.31 -3.93
C ASN C 143 -20.27 -25.82 -3.67
N ASN C 144 -19.52 -26.70 -4.34
CA ASN C 144 -19.77 -28.13 -4.26
C ASN C 144 -18.47 -28.90 -3.99
N ASN C 145 -17.46 -28.17 -3.53
CA ASN C 145 -16.17 -28.72 -3.19
C ASN C 145 -15.50 -29.33 -4.42
N GLY C 146 -15.70 -28.71 -5.59
CA GLY C 146 -14.81 -28.93 -6.70
C GLY C 146 -15.17 -30.17 -7.51
N THR C 147 -16.43 -30.65 -7.44
CA THR C 147 -16.76 -31.93 -8.08
C THR C 147 -17.38 -31.77 -9.49
N ASP C 148 -17.69 -30.57 -9.95
CA ASP C 148 -18.19 -30.40 -11.31
C ASP C 148 -17.12 -30.85 -12.31
N PRO C 149 -17.45 -31.88 -13.14
CA PRO C 149 -16.54 -32.34 -14.19
C PRO C 149 -16.19 -31.31 -15.24
N LEU C 150 -17.08 -30.34 -15.50
CA LEU C 150 -16.69 -29.22 -16.36
C LEU C 150 -15.46 -28.47 -15.83
N GLN C 151 -15.32 -28.35 -14.51
CA GLN C 151 -14.25 -27.54 -13.93
C GLN C 151 -12.89 -28.17 -14.18
N LYS C 152 -12.79 -29.48 -13.94
CA LYS C 152 -11.56 -30.23 -14.19
C LYS C 152 -11.07 -30.02 -15.61
N GLN C 153 -11.97 -30.18 -16.58
CA GLN C 153 -11.60 -30.01 -17.98
C GLN C 153 -11.23 -28.58 -18.33
N ALA C 154 -11.95 -27.61 -17.75
CA ALA C 154 -11.67 -26.22 -18.01
C ALA C 154 -10.26 -25.86 -17.54
N VAL C 155 -9.93 -26.29 -16.32
CA VAL C 155 -8.63 -26.03 -15.74
C VAL C 155 -7.52 -26.62 -16.62
N GLU C 156 -7.69 -27.86 -17.10
CA GLU C 156 -6.69 -28.48 -17.98
C GLU C 156 -6.43 -27.65 -19.25
N VAL C 157 -7.50 -27.09 -19.83
CA VAL C 157 -7.38 -26.23 -21.00
C VAL C 157 -6.62 -24.94 -20.66
N ALA C 158 -7.00 -24.27 -19.55
CA ALA C 158 -6.44 -22.96 -19.27
C ALA C 158 -4.97 -23.10 -18.90
N LYS C 159 -4.61 -24.22 -18.31
CA LYS C 159 -3.26 -24.42 -17.85
C LYS C 159 -2.25 -24.46 -19.00
N LYS C 160 -2.74 -24.68 -20.24
CA LYS C 160 -1.86 -24.80 -21.40
C LYS C 160 -1.77 -23.49 -22.15
N VAL C 161 -2.57 -22.47 -21.76
CA VAL C 161 -2.48 -21.16 -22.36
C VAL C 161 -1.23 -20.47 -21.77
N PRO C 162 -0.56 -19.54 -22.50
CA PRO C 162 0.61 -18.85 -21.96
C PRO C 162 0.30 -18.16 -20.62
N ASN C 163 1.14 -18.48 -19.62
CA ASN C 163 1.12 -18.00 -18.24
C ASN C 163 0.20 -18.89 -17.37
N GLY C 164 -0.48 -19.86 -17.99
CA GLY C 164 -1.47 -20.69 -17.32
C GLY C 164 -0.83 -21.77 -16.46
N ASP C 165 0.49 -21.94 -16.64
CA ASP C 165 1.28 -22.81 -15.80
C ASP C 165 1.21 -22.36 -14.33
N LYS C 166 0.89 -21.09 -14.07
CA LYS C 166 0.77 -20.59 -12.70
C LYS C 166 -0.56 -20.95 -12.02
N ILE C 167 -1.55 -21.42 -12.81
CA ILE C 167 -2.85 -21.79 -12.28
C ILE C 167 -2.63 -22.90 -11.28
N HIS C 168 -3.23 -22.80 -10.08
CA HIS C 168 -2.94 -23.77 -9.04
C HIS C 168 -4.17 -23.89 -8.16
N TYR C 169 -4.24 -24.97 -7.40
CA TYR C 169 -5.29 -25.22 -6.44
C TYR C 169 -5.14 -24.20 -5.31
N ALA C 170 -6.29 -23.58 -4.95
CA ALA C 170 -6.26 -22.34 -4.20
C ALA C 170 -6.65 -22.53 -2.73
N LEU C 171 -6.93 -23.76 -2.30
CA LEU C 171 -7.63 -23.99 -1.04
C LEU C 171 -6.82 -24.91 -0.11
N ASP C 172 -5.52 -25.03 -0.34
CA ASP C 172 -4.68 -25.77 0.60
C ASP C 172 -4.17 -24.85 1.70
N ASN C 173 -4.16 -25.36 2.94
CA ASN C 173 -3.50 -24.65 4.05
C ASN C 173 -4.08 -23.25 4.24
N CYS C 174 -5.41 -23.09 4.12
CA CYS C 174 -6.05 -21.82 4.41
C CYS C 174 -6.25 -21.67 5.91
N PRO C 175 -6.48 -20.44 6.42
CA PRO C 175 -6.66 -20.25 7.85
C PRO C 175 -7.83 -21.05 8.45
N GLU C 176 -7.70 -21.36 9.75
CA GLU C 176 -8.73 -22.06 10.49
C GLU C 176 -9.92 -21.13 10.74
N HIS C 177 -11.09 -21.76 10.87
CA HIS C 177 -12.35 -21.07 11.07
C HIS C 177 -12.61 -20.97 12.57
N HIS C 178 -13.57 -20.12 12.92
CA HIS C 178 -14.01 -19.90 14.29
C HIS C 178 -15.54 -19.91 14.34
N GLY C 179 -16.12 -20.95 13.76
CA GLY C 179 -17.54 -21.26 13.92
C GLY C 179 -18.41 -20.92 12.69
N CYS C 180 -17.83 -20.27 11.67
CA CYS C 180 -18.56 -19.94 10.46
C CYS C 180 -18.04 -20.87 9.38
N PHE C 181 -18.93 -21.33 8.50
CA PHE C 181 -18.56 -22.29 7.48
C PHE C 181 -17.74 -21.65 6.36
N ALA C 182 -18.10 -20.44 5.90
CA ALA C 182 -17.60 -19.94 4.62
C ALA C 182 -16.69 -18.73 4.81
N PHE C 183 -16.53 -18.27 6.06
CA PHE C 183 -15.74 -17.06 6.32
C PHE C 183 -14.88 -17.34 7.56
N TYR C 184 -13.79 -16.57 7.72
CA TYR C 184 -12.84 -16.77 8.81
C TYR C 184 -12.24 -15.41 9.20
N MET D 23 -36.46 4.45 29.36
CA MET D 23 -36.28 3.22 28.54
C MET D 23 -34.83 2.70 28.76
N THR D 24 -34.70 1.40 29.00
CA THR D 24 -33.39 0.77 29.09
C THR D 24 -33.30 -0.21 27.91
N CYS D 25 -32.09 -0.66 27.60
CA CYS D 25 -31.83 -1.48 26.42
C CYS D 25 -32.64 -2.77 26.40
N ASP D 26 -32.75 -3.41 27.57
CA ASP D 26 -33.43 -4.68 27.76
C ASP D 26 -34.94 -4.55 27.45
N LYS D 27 -35.45 -3.32 27.42
CA LYS D 27 -36.89 -3.08 27.27
C LYS D 27 -37.23 -2.53 25.89
N LEU D 28 -36.23 -2.39 24.99
CA LEU D 28 -36.48 -1.90 23.64
C LEU D 28 -37.38 -2.90 22.89
N PRO D 29 -38.06 -2.48 21.82
CA PRO D 29 -38.87 -3.41 21.03
C PRO D 29 -38.03 -4.51 20.38
N LYS D 30 -38.68 -5.65 20.15
CA LYS D 30 -38.11 -6.86 19.56
C LYS D 30 -39.08 -7.40 18.49
N VAL D 31 -39.03 -6.82 17.29
CA VAL D 31 -39.90 -7.28 16.21
C VAL D 31 -39.38 -8.60 15.64
N PRO D 32 -40.23 -9.40 14.96
CA PRO D 32 -39.77 -10.64 14.34
C PRO D 32 -38.64 -10.35 13.37
N VAL D 33 -37.65 -11.24 13.37
CA VAL D 33 -36.62 -11.25 12.35
C VAL D 33 -37.27 -11.60 11.01
N PRO D 34 -37.24 -10.70 10.01
CA PRO D 34 -37.78 -11.04 8.69
C PRO D 34 -37.09 -12.26 8.07
N PRO D 35 -37.78 -12.96 7.14
CA PRO D 35 -37.16 -14.01 6.36
C PRO D 35 -35.90 -13.48 5.69
N LEU D 36 -34.93 -14.37 5.56
CA LEU D 36 -33.68 -14.00 4.92
C LEU D 36 -33.90 -13.38 3.54
N GLU D 37 -34.85 -13.89 2.76
CA GLU D 37 -34.98 -13.38 1.41
C GLU D 37 -35.35 -11.89 1.41
N GLU D 38 -36.00 -11.39 2.48
CA GLU D 38 -36.39 -9.98 2.53
C GLU D 38 -35.11 -9.16 2.68
N PHE D 39 -34.16 -9.67 3.47
CA PHE D 39 -32.87 -8.97 3.64
C PHE D 39 -32.06 -9.00 2.35
N ILE D 40 -32.02 -10.17 1.69
CA ILE D 40 -31.29 -10.27 0.42
C ILE D 40 -31.78 -9.29 -0.65
N LYS D 41 -33.12 -9.17 -0.74
CA LYS D 41 -33.74 -8.19 -1.62
C LYS D 41 -33.40 -6.75 -1.30
N SER D 42 -33.00 -6.47 -0.06
CA SER D 42 -32.62 -5.13 0.33
C SER D 42 -31.15 -4.85 0.07
N ASN D 43 -30.34 -5.88 -0.25
CA ASN D 43 -28.92 -5.66 -0.37
C ASN D 43 -28.61 -4.67 -1.47
N PRO D 44 -27.53 -3.86 -1.41
CA PRO D 44 -26.78 -3.50 -0.21
C PRO D 44 -27.45 -2.33 0.54
N LEU D 45 -27.21 -2.29 1.85
CA LEU D 45 -27.70 -1.25 2.75
CA LEU D 45 -27.71 -1.23 2.72
C LEU D 45 -26.50 -0.46 3.28
N GLN D 46 -26.74 0.74 3.79
CA GLN D 46 -25.69 1.51 4.42
C GLN D 46 -26.16 1.85 5.82
N PHE D 47 -25.22 2.05 6.75
CA PHE D 47 -25.63 2.37 8.11
C PHE D 47 -25.64 3.90 8.27
N ALA D 48 -26.80 4.47 8.56
CA ALA D 48 -26.96 5.91 8.74
C ALA D 48 -26.56 6.33 10.17
N TYR D 49 -26.91 5.48 11.15
CA TYR D 49 -26.62 5.68 12.55
C TYR D 49 -26.05 4.41 13.15
N VAL D 50 -25.00 4.63 13.95
CA VAL D 50 -24.32 3.57 14.66
C VAL D 50 -23.84 4.11 16.03
N LEU D 51 -23.49 3.22 16.94
CA LEU D 51 -22.98 3.62 18.24
C LEU D 51 -21.44 3.67 18.26
N THR D 52 -20.72 2.56 18.01
CA THR D 52 -19.25 2.64 18.05
C THR D 52 -18.77 3.14 16.70
N ASP D 53 -17.51 3.54 16.57
CA ASP D 53 -17.06 4.05 15.30
C ASP D 53 -16.70 2.90 14.35
N THR D 54 -16.74 1.63 14.82
CA THR D 54 -16.43 0.48 13.96
C THR D 54 -17.27 0.52 12.67
N PHE D 55 -18.52 0.98 12.76
CA PHE D 55 -19.49 0.80 11.67
C PHE D 55 -19.82 2.12 11.00
N ASP D 56 -18.90 3.11 11.15
CA ASP D 56 -18.96 4.29 10.31
C ASP D 56 -18.64 3.91 8.85
N CYS D 57 -19.22 4.66 7.90
CA CYS D 57 -18.92 4.58 6.48
C CYS D 57 -18.98 3.13 5.95
N THR D 58 -20.06 2.41 6.33
CA THR D 58 -20.12 0.97 6.21
C THR D 58 -21.35 0.60 5.36
N THR D 59 -21.17 -0.44 4.54
CA THR D 59 -22.22 -1.12 3.74
C THR D 59 -22.43 -2.50 4.32
N ARG D 60 -23.72 -2.85 4.48
CA ARG D 60 -24.16 -4.17 4.88
C ARG D 60 -24.66 -4.99 3.67
N VAL D 61 -24.17 -6.23 3.58
CA VAL D 61 -24.63 -7.24 2.63
C VAL D 61 -24.94 -8.52 3.39
N TYR D 62 -26.14 -9.05 3.16
CA TYR D 62 -26.57 -10.33 3.67
C TYR D 62 -26.31 -11.46 2.67
N VAL D 63 -25.87 -12.62 3.21
CA VAL D 63 -25.54 -13.75 2.35
C VAL D 63 -26.24 -14.97 2.90
N GLN D 64 -26.81 -15.76 1.99
CA GLN D 64 -27.41 -17.03 2.38
C GLN D 64 -26.31 -17.99 2.81
N PRO D 65 -26.66 -19.08 3.51
CA PRO D 65 -25.67 -20.08 3.86
C PRO D 65 -25.09 -20.74 2.61
N ALA D 66 -23.82 -21.12 2.70
CA ALA D 66 -23.20 -21.98 1.70
C ALA D 66 -24.04 -23.26 1.55
N ARG D 67 -24.13 -23.74 0.32
CA ARG D 67 -24.84 -24.95 -0.03
C ARG D 67 -24.46 -26.12 0.89
N LEU D 68 -23.18 -26.25 1.19
CA LEU D 68 -22.63 -27.39 1.93
C LEU D 68 -22.58 -27.15 3.46
N SER D 69 -23.05 -25.99 3.92
CA SER D 69 -23.02 -25.67 5.34
C SER D 69 -24.06 -26.50 6.09
N PRO D 70 -23.66 -27.39 7.02
CA PRO D 70 -24.65 -28.24 7.69
C PRO D 70 -25.62 -27.46 8.58
N ASN D 71 -25.15 -26.39 9.26
CA ASN D 71 -26.03 -25.62 10.13
C ASN D 71 -26.88 -24.61 9.35
N GLN D 72 -26.53 -24.34 8.10
CA GLN D 72 -27.31 -23.41 7.27
C GLN D 72 -27.48 -22.01 7.90
N ALA D 73 -26.47 -21.50 8.58
CA ALA D 73 -26.49 -20.14 9.10
C ALA D 73 -26.25 -19.15 7.97
N ALA D 74 -27.07 -18.11 7.91
CA ALA D 74 -26.81 -16.97 7.04
C ALA D 74 -25.65 -16.14 7.59
N THR D 75 -25.13 -15.20 6.77
CA THR D 75 -24.00 -14.38 7.18
C THR D 75 -24.29 -12.91 6.90
N ALA D 76 -23.94 -12.06 7.86
CA ALA D 76 -23.97 -10.60 7.69
C ALA D 76 -22.57 -10.12 7.38
N LEU D 77 -22.44 -9.37 6.28
CA LEU D 77 -21.17 -8.75 5.93
C LEU D 77 -21.23 -7.26 6.24
N ASP D 78 -20.28 -6.78 7.05
CA ASP D 78 -20.14 -5.35 7.27
C ASP D 78 -18.83 -4.90 6.63
N ILE D 79 -18.98 -4.09 5.59
CA ILE D 79 -17.92 -3.73 4.68
C ILE D 79 -17.63 -2.24 4.81
N ARG D 80 -16.40 -1.95 5.23
CA ARG D 80 -15.92 -0.57 5.31
C ARG D 80 -14.67 -0.40 4.45
N GLY D 81 -14.84 0.13 3.24
CA GLY D 81 -13.78 0.17 2.25
C GLY D 81 -13.23 -1.23 1.95
N SER D 82 -11.95 -1.47 2.33
CA SER D 82 -11.28 -2.74 2.02
C SER D 82 -11.31 -3.75 3.15
N ARG D 83 -11.93 -3.36 4.26
CA ARG D 83 -12.04 -4.21 5.42
C ARG D 83 -13.45 -4.78 5.53
N ILE D 84 -13.55 -6.10 5.79
CA ILE D 84 -14.83 -6.74 6.04
C ILE D 84 -14.84 -7.44 7.38
N ILE D 85 -15.96 -7.22 8.10
CA ILE D 85 -16.36 -7.92 9.29
C ILE D 85 -17.48 -8.89 8.91
N THR D 86 -17.39 -10.15 9.40
CA THR D 86 -18.35 -11.18 9.07
C THR D 86 -18.91 -11.80 10.35
N ASN D 87 -20.22 -12.03 10.32
CA ASN D 87 -20.93 -12.69 11.41
C ASN D 87 -21.94 -13.66 10.81
N ASP D 88 -21.84 -14.94 11.16
CA ASP D 88 -22.94 -15.85 10.88
C ASP D 88 -24.04 -15.51 11.88
N PHE D 89 -25.30 -15.80 11.53
CA PHE D 89 -26.34 -15.60 12.50
C PHE D 89 -27.43 -16.66 12.33
N VAL D 90 -28.08 -16.95 13.47
CA VAL D 90 -29.24 -17.82 13.51
C VAL D 90 -30.24 -17.20 14.47
N GLY D 91 -31.50 -17.66 14.36
CA GLY D 91 -32.56 -17.15 15.20
C GLY D 91 -32.37 -17.65 16.62
N GLY D 92 -32.78 -16.85 17.59
CA GLY D 92 -32.76 -17.29 18.96
C GLY D 92 -34.09 -16.95 19.62
N PRO D 93 -34.23 -17.21 20.94
CA PRO D 93 -35.44 -16.86 21.67
C PRO D 93 -35.71 -15.35 21.67
N ASN D 94 -36.99 -15.00 21.88
CA ASN D 94 -37.36 -13.62 22.10
CA ASN D 94 -37.48 -13.64 22.05
C ASN D 94 -37.13 -12.77 20.84
N ASN D 95 -37.30 -13.35 19.64
CA ASN D 95 -37.06 -12.66 18.35
C ASN D 95 -35.62 -12.13 18.22
N SER D 96 -34.66 -12.85 18.82
CA SER D 96 -33.25 -12.51 18.74
C SER D 96 -32.65 -13.15 17.49
N ALA D 97 -31.55 -12.52 17.04
CA ALA D 97 -30.59 -13.08 16.13
C ALA D 97 -29.27 -13.21 16.92
N ILE D 98 -28.73 -14.43 16.95
CA ILE D 98 -27.46 -14.72 17.63
C ILE D 98 -26.35 -14.72 16.59
N LEU D 99 -25.42 -13.77 16.74
CA LEU D 99 -24.35 -13.57 15.78
C LEU D 99 -23.10 -14.27 16.31
N ASN D 100 -22.38 -14.92 15.39
CA ASN D 100 -21.11 -15.59 15.64
C ASN D 100 -20.05 -14.88 14.79
N ASN D 101 -19.17 -14.13 15.44
CA ASN D 101 -18.09 -13.44 14.74
C ASN D 101 -17.17 -14.49 14.11
N CYS D 102 -17.04 -14.47 12.79
CA CYS D 102 -16.38 -15.53 12.05
C CYS D 102 -14.85 -15.51 12.34
N THR D 103 -14.35 -14.39 12.85
CA THR D 103 -12.93 -14.25 13.12
C THR D 103 -12.60 -14.65 14.55
N THR D 104 -13.43 -14.28 15.53
CA THR D 104 -13.08 -14.47 16.92
C THR D 104 -13.91 -15.56 17.58
N GLY D 105 -15.04 -15.97 16.97
CA GLY D 105 -15.95 -16.87 17.65
C GLY D 105 -16.81 -16.21 18.72
N GLU D 106 -16.72 -14.88 18.91
CA GLU D 106 -17.53 -14.26 19.93
CA GLU D 106 -17.53 -14.16 19.87
C GLU D 106 -18.99 -14.19 19.44
N LYS D 107 -19.88 -14.51 20.39
CA LYS D 107 -21.32 -14.52 20.22
C LYS D 107 -21.94 -13.22 20.73
N ALA D 108 -22.97 -12.74 20.04
CA ALA D 108 -23.71 -11.60 20.54
C ALA D 108 -25.19 -11.75 20.17
N THR D 109 -26.07 -11.39 21.13
CA THR D 109 -27.53 -11.45 20.98
C THR D 109 -28.09 -10.12 20.47
N TRP D 110 -28.64 -10.15 19.25
CA TRP D 110 -29.13 -8.94 18.62
C TRP D 110 -30.64 -8.99 18.53
N TYR D 111 -31.25 -7.82 18.44
CA TYR D 111 -32.70 -7.67 18.25
C TYR D 111 -32.93 -6.57 17.21
N PHE D 112 -34.10 -6.60 16.59
CA PHE D 112 -34.55 -5.53 15.72
C PHE D 112 -35.54 -4.66 16.49
N GLN D 113 -35.19 -3.38 16.62
CA GLN D 113 -36.10 -2.34 17.10
C GLN D 113 -37.32 -2.19 16.18
N TYR D 114 -37.08 -2.22 14.85
CA TYR D 114 -38.12 -2.33 13.84
C TYR D 114 -37.44 -2.77 12.54
N THR D 115 -38.25 -3.36 11.64
CA THR D 115 -37.82 -3.53 10.28
C THR D 115 -38.90 -2.95 9.34
N ASN D 116 -38.44 -2.50 8.17
CA ASN D 116 -39.31 -1.97 7.13
C ASN D 116 -38.64 -2.23 5.80
N LEU D 117 -38.61 -3.51 5.42
CA LEU D 117 -37.85 -3.94 4.24
C LEU D 117 -38.77 -3.98 3.01
N ASN D 118 -38.22 -3.46 1.92
CA ASN D 118 -38.76 -3.63 0.56
C ASN D 118 -40.12 -2.95 0.44
N THR D 119 -40.20 -1.70 0.94
CA THR D 119 -41.35 -0.87 0.69
C THR D 119 -41.16 -0.20 -0.67
N PRO D 120 -42.18 0.52 -1.19
CA PRO D 120 -42.00 1.29 -2.42
C PRO D 120 -41.05 2.46 -2.29
N ASN D 121 -40.64 2.80 -1.08
CA ASN D 121 -39.56 3.76 -0.84
C ASN D 121 -38.29 3.05 -0.33
N GLY D 122 -38.17 1.74 -0.55
CA GLY D 122 -36.98 0.99 -0.19
C GLY D 122 -37.05 0.40 1.22
N SER D 123 -35.87 0.15 1.78
CA SER D 123 -35.73 -0.67 2.98
C SER D 123 -35.03 0.11 4.11
N SER D 124 -35.51 -0.09 5.33
CA SER D 124 -34.78 0.37 6.51
C SER D 124 -35.01 -0.62 7.66
N TYR D 125 -34.10 -0.53 8.66
CA TYR D 125 -34.25 -1.23 9.92
C TYR D 125 -33.29 -0.59 10.94
N CYS D 126 -33.57 -0.80 12.22
CA CYS D 126 -32.63 -0.49 13.28
C CYS D 126 -32.50 -1.75 14.13
N ALA D 127 -31.24 -2.15 14.38
CA ALA D 127 -30.95 -3.34 15.17
C ALA D 127 -30.00 -2.94 16.32
N TYR D 128 -30.00 -3.71 17.40
CA TYR D 128 -29.21 -3.35 18.58
C TYR D 128 -28.80 -4.60 19.35
N THR D 129 -27.74 -4.45 20.17
CA THR D 129 -27.34 -5.47 21.12
C THR D 129 -27.01 -4.73 22.43
N CYS D 130 -27.23 -5.43 23.55
CA CYS D 130 -27.27 -4.79 24.86
C CYS D 130 -26.09 -5.28 25.70
N ASN D 131 -25.72 -4.45 26.66
CA ASN D 131 -24.95 -4.87 27.83
C ASN D 131 -25.83 -4.59 29.05
N GLY D 132 -26.66 -5.56 29.42
CA GLY D 132 -27.77 -5.37 30.36
C GLY D 132 -28.72 -4.24 29.95
N GLU D 133 -28.70 -3.14 30.73
CA GLU D 133 -29.57 -1.99 30.53
C GLU D 133 -28.99 -0.97 29.56
N GLU D 134 -27.69 -1.09 29.28
CA GLU D 134 -27.01 -0.22 28.35
C GLU D 134 -27.04 -0.85 26.95
N ILE D 135 -27.04 0.01 25.94
CA ILE D 135 -26.85 -0.43 24.57
C ILE D 135 -25.35 -0.50 24.24
N ALA D 136 -24.91 -1.69 23.81
CA ALA D 136 -23.53 -1.96 23.45
C ALA D 136 -23.24 -1.59 22.00
N GLU D 137 -24.19 -1.90 21.09
CA GLU D 137 -24.03 -1.52 19.71
C GLU D 137 -25.41 -1.25 19.08
N TYR D 138 -25.43 -0.30 18.14
CA TYR D 138 -26.63 0.12 17.43
C TYR D 138 -26.32 0.24 15.95
N LYS D 139 -27.20 -0.30 15.07
CA LYS D 139 -26.97 -0.18 13.64
C LYS D 139 -28.34 0.07 12.94
N CYS D 140 -28.50 1.25 12.36
CA CYS D 140 -29.68 1.63 11.58
C CYS D 140 -29.26 1.67 10.13
N ALA D 141 -29.82 0.74 9.36
CA ALA D 141 -29.49 0.54 7.95
C ALA D 141 -30.60 1.06 7.05
N ASN D 142 -30.22 1.49 5.86
CA ASN D 142 -31.23 1.76 4.84
C ASN D 142 -30.60 1.79 3.46
N ASN D 143 -31.46 1.83 2.43
CA ASN D 143 -31.03 2.01 1.05
C ASN D 143 -31.80 3.15 0.38
N ASN D 144 -32.24 4.13 1.17
CA ASN D 144 -33.07 5.25 0.66
C ASN D 144 -32.55 6.61 1.16
N ASN D 145 -31.30 6.66 1.61
CA ASN D 145 -30.70 7.87 2.16
C ASN D 145 -31.46 8.42 3.36
N GLY D 146 -32.02 7.54 4.17
CA GLY D 146 -32.38 7.95 5.51
C GLY D 146 -33.76 8.59 5.57
N THR D 147 -34.67 8.32 4.60
CA THR D 147 -35.95 9.01 4.55
C THR D 147 -37.11 8.29 5.22
N ASP D 148 -36.91 7.05 5.71
CA ASP D 148 -38.00 6.35 6.36
C ASP D 148 -38.37 7.03 7.69
N PRO D 149 -39.63 7.46 7.90
CA PRO D 149 -40.00 8.04 9.19
C PRO D 149 -39.85 7.12 10.39
N LEU D 150 -39.96 5.80 10.19
CA LEU D 150 -39.74 4.88 11.28
C LEU D 150 -38.32 5.01 11.84
N GLN D 151 -37.34 5.29 10.99
CA GLN D 151 -35.95 5.29 11.42
C GLN D 151 -35.66 6.52 12.30
N LYS D 152 -36.22 7.67 11.89
CA LYS D 152 -36.10 8.90 12.69
C LYS D 152 -36.59 8.70 14.10
N GLN D 153 -37.80 8.13 14.25
CA GLN D 153 -38.34 7.93 15.59
C GLN D 153 -37.54 6.89 16.36
N ALA D 154 -37.12 5.80 15.70
CA ALA D 154 -36.39 4.75 16.38
C ALA D 154 -35.08 5.31 16.96
N VAL D 155 -34.39 6.11 16.17
CA VAL D 155 -33.10 6.65 16.59
C VAL D 155 -33.28 7.54 17.84
N GLU D 156 -34.32 8.39 17.83
CA GLU D 156 -34.64 9.25 18.98
C GLU D 156 -34.83 8.42 20.24
N VAL D 157 -35.58 7.32 20.15
CA VAL D 157 -35.79 6.41 21.27
C VAL D 157 -34.48 5.81 21.78
N ALA D 158 -33.63 5.34 20.85
CA ALA D 158 -32.46 4.60 21.26
C ALA D 158 -31.44 5.56 21.91
N LYS D 159 -31.38 6.81 21.43
CA LYS D 159 -30.38 7.75 21.94
C LYS D 159 -30.63 8.06 23.42
N LYS D 160 -31.83 7.74 23.96
CA LYS D 160 -32.20 8.09 25.34
C LYS D 160 -31.96 6.91 26.26
N VAL D 161 -31.60 5.77 25.69
CA VAL D 161 -31.28 4.61 26.47
C VAL D 161 -29.86 4.82 27.03
N PRO D 162 -29.47 4.18 28.17
CA PRO D 162 -28.10 4.33 28.69
C PRO D 162 -27.04 3.87 27.68
N ASN D 163 -26.05 4.76 27.43
CA ASN D 163 -24.97 4.62 26.49
C ASN D 163 -25.40 5.05 25.08
N GLY D 164 -26.68 5.38 24.90
CA GLY D 164 -27.25 5.78 23.63
C GLY D 164 -26.84 7.17 23.19
N ASP D 165 -26.20 7.94 24.09
CA ASP D 165 -25.64 9.24 23.70
C ASP D 165 -24.47 9.09 22.73
N LYS D 166 -23.86 7.92 22.64
CA LYS D 166 -22.79 7.70 21.66
C LYS D 166 -23.30 7.43 20.24
N ILE D 167 -24.61 7.13 20.09
CA ILE D 167 -25.21 6.94 18.76
C ILE D 167 -25.08 8.21 17.95
N HIS D 168 -24.58 8.06 16.71
CA HIS D 168 -24.20 9.21 15.91
C HIS D 168 -24.44 8.92 14.43
N TYR D 169 -24.57 9.99 13.67
CA TYR D 169 -24.65 9.88 12.22
C TYR D 169 -23.32 9.37 11.67
N ALA D 170 -23.41 8.37 10.77
CA ALA D 170 -22.25 7.51 10.48
C ALA D 170 -21.65 7.75 9.10
N LEU D 171 -22.20 8.69 8.33
CA LEU D 171 -21.91 8.75 6.92
C LEU D 171 -21.34 10.12 6.55
N ASP D 172 -20.88 10.91 7.52
CA ASP D 172 -20.21 12.17 7.18
C ASP D 172 -18.72 11.95 6.93
N ASN D 173 -18.18 12.71 5.97
CA ASN D 173 -16.76 12.72 5.66
C ASN D 173 -16.24 11.31 5.36
N CYS D 174 -16.99 10.52 4.58
CA CYS D 174 -16.56 9.15 4.26
C CYS D 174 -15.61 9.23 3.09
N PRO D 175 -14.79 8.20 2.79
CA PRO D 175 -13.84 8.33 1.68
C PRO D 175 -14.50 8.53 0.33
N GLU D 176 -13.76 9.15 -0.59
CA GLU D 176 -14.29 9.38 -1.92
C GLU D 176 -14.28 8.06 -2.68
N HIS D 177 -15.13 7.97 -3.69
CA HIS D 177 -15.40 6.74 -4.45
C HIS D 177 -14.53 6.79 -5.71
N HIS D 178 -14.35 5.62 -6.38
CA HIS D 178 -13.66 5.46 -7.66
C HIS D 178 -14.56 4.69 -8.63
N GLY D 179 -15.77 5.21 -8.78
CA GLY D 179 -16.71 4.79 -9.81
C GLY D 179 -17.68 3.68 -9.39
N CYS D 180 -17.64 3.19 -8.15
CA CYS D 180 -18.66 2.30 -7.67
C CYS D 180 -19.60 3.09 -6.77
N PHE D 181 -20.89 2.80 -6.83
CA PHE D 181 -21.84 3.51 -5.98
C PHE D 181 -21.72 3.13 -4.49
N ALA D 182 -21.67 1.85 -4.11
CA ALA D 182 -21.87 1.43 -2.72
C ALA D 182 -20.59 0.92 -2.04
N PHE D 183 -19.48 0.91 -2.77
CA PHE D 183 -18.19 0.45 -2.26
C PHE D 183 -17.12 1.47 -2.66
N TYR D 184 -16.00 1.47 -1.92
CA TYR D 184 -14.94 2.46 -2.10
C TYR D 184 -13.58 1.91 -1.63
#